data_4FFB
#
_entry.id   4FFB
#
_cell.length_a   89.120
_cell.length_b   98.040
_cell.length_c   91.366
_cell.angle_alpha   90.00
_cell.angle_beta   100.31
_cell.angle_gamma   90.00
#
_symmetry.space_group_name_H-M   'P 1 21 1'
#
loop_
_entity.id
_entity.type
_entity.pdbx_description
1 polymer 'Tubulin alpha-1 chain'
2 polymer 'Tubulin beta chain'
3 polymer 'Protein STU2'
4 non-polymer 'MAGNESIUM ION'
5 non-polymer "GUANOSINE-5'-TRIPHOSPHATE"
#
loop_
_entity_poly.entity_id
_entity_poly.type
_entity_poly.pdbx_seq_one_letter_code
_entity_poly.pdbx_strand_id
1 'polypeptide(L)'
;MREVISINVGQAGCQIGNACWELYSLEHGIKPDGHLEDGLSKPKGGEEGFSTFFHETGYGKFVPRAIYVDLEPNVIDEVR
NGPYKDLFHPEQLISGKEDAANNYARGHYTVGREILGDVLDRIRKLADQCDGLQGFLFTHSLGGGTGSGLGSLLLEELSA
EYGKKSKLEFAVYPAPQVSTSVVEPYNTVLTTHTTLEHADCTFMVDNEAIYDMCKRNLDIPRPSFANLNNLIAQVVSSVT
ASLRFDGSLNVDLNEFQTNLVPYPRIHFPLVSYSPVLSKSKAFHESNSVSEITNACFEPGNQMVKCDPRDGKYMATCLLY
RGDVVTRDVQRAVEQVKNKKTVQLVDWCPTGFKIGICYEPPTATPNSQLATVDRAVCMLSNTTSIAEAWKRIDRKFDLMY
AKRAFVHWYVGEGMEEGEFTEAREDLAALERDYIEVGADSYAEEEEF
;
A
2 'polypeptide(L)'
;MREIIHISTGQCGNQIGAAFWETICGEHGLDFNGTYHGHDDIQKERLNVYFNEASSGKWVPRSINVDLEPGTIDAVRNSA
IGNLFRPDNYIFGQSSAGNVWAKGHYTEGAELVDSVMDVIRREAEGCDSLQGFQITHSLGGGTGSGMGTLLISKIREEFP
DRMMATFSVLPSPKRSDTRVEPYNATLSVHQLVEHSDETFCIDNEALYDICQRTLKLNQPSYGDLNNLVSSVMSGVTTSL
RYPGQLNSDLRKLAVNLVPFPRLHFFMVGYAPLTAIGSQSFRSLTVPELTQQMFDAKNMMAAADPRNGRYLTVAAFFRGK
VSVKEVEDEMHKVQSKNSDYFVEWIPNNVQTAVCSVAPQGLDMAATFIANSTSIQELFKRVGDQFSAMFKRKAFLHWYTS
EGMDELEFSEAESNMNDLVSEYQQYQEATVEDDEEVDENGDFGAPQNQDEPITENFEHHHHHH
;
B
3 'polypeptide(L)'
;MSGEEEVDYTTLPLEERLTYKLWKARLEAYKELNQLFRNSVGDISRDDNIQIYWRDPTLFAQYITDSNVVAQEQAIVALN
SLIDAFASSSLKNAHNITLISTWTPLLVEKGLTSSRATTKTQSMSCILSLCGLDTSITQSVELVIPFFEKKLPKLIAAAA
NCVYELMAAFGLTNVNVQTFLPELLKHVPQLAGHGDRNVRSQTMNLIVEIYKVTGNNSDLLEEILFKKLKPIQVKDLHKL
FAKVGDEPSSSKMLFEWEKRELEKKRSQEEEAHHHHHH
;
C
#
# COMPACT_ATOMS: atom_id res chain seq x y z
N MET A 1 37.80 -5.84 20.45
CA MET A 1 37.77 -5.99 19.00
C MET A 1 36.75 -5.03 18.38
N ARG A 2 37.08 -4.50 17.21
CA ARG A 2 36.20 -3.55 16.53
C ARG A 2 35.05 -4.28 15.83
N GLU A 3 33.85 -4.14 16.38
CA GLU A 3 32.69 -4.89 15.90
C GLU A 3 31.92 -4.18 14.80
N VAL A 4 31.23 -4.97 13.97
CA VAL A 4 30.36 -4.45 12.94
C VAL A 4 28.99 -5.14 13.00
N ILE A 5 27.93 -4.34 13.01
CA ILE A 5 26.58 -4.87 13.10
C ILE A 5 25.90 -4.86 11.74
N SER A 6 25.44 -6.03 11.30
CA SER A 6 24.82 -6.16 9.98
C SER A 6 23.30 -6.09 10.06
N ILE A 7 22.74 -4.98 9.59
CA ILE A 7 21.29 -4.77 9.63
C ILE A 7 20.63 -5.03 8.29
N ASN A 8 19.65 -5.93 8.28
CA ASN A 8 18.96 -6.31 7.05
C ASN A 8 17.49 -5.90 7.07
N VAL A 9 17.08 -5.10 6.08
CA VAL A 9 15.72 -4.57 6.03
C VAL A 9 14.94 -5.05 4.81
N GLY A 10 13.73 -5.55 5.03
CA GLY A 10 12.86 -5.96 3.94
C GLY A 10 13.02 -7.40 3.53
N GLN A 11 12.23 -7.82 2.53
CA GLN A 11 12.29 -9.18 2.03
C GLN A 11 13.64 -9.49 1.41
N ALA A 12 14.01 -8.71 0.39
CA ALA A 12 15.28 -8.88 -0.30
C ALA A 12 16.46 -8.83 0.67
N GLY A 13 16.42 -7.88 1.60
CA GLY A 13 17.47 -7.71 2.57
C GLY A 13 17.66 -8.96 3.43
N CYS A 14 16.55 -9.50 3.93
CA CYS A 14 16.60 -10.67 4.81
C CYS A 14 16.96 -11.96 4.07
N GLN A 15 16.54 -12.08 2.81
CA GLN A 15 16.82 -13.27 2.03
C GLN A 15 18.26 -13.27 1.50
N ILE A 16 18.78 -12.09 1.21
CA ILE A 16 20.18 -11.94 0.84
C ILE A 16 21.05 -12.20 2.06
N GLY A 17 20.62 -11.66 3.20
CA GLY A 17 21.31 -11.87 4.46
C GLY A 17 21.35 -13.34 4.85
N ASN A 18 20.29 -14.07 4.49
CA ASN A 18 20.27 -15.51 4.72
C ASN A 18 21.43 -16.17 4.00
N ALA A 19 21.62 -15.80 2.74
CA ALA A 19 22.70 -16.35 1.94
C ALA A 19 24.06 -15.91 2.46
N CYS A 20 24.18 -14.64 2.82
CA CYS A 20 25.43 -14.10 3.36
C CYS A 20 25.82 -14.79 4.66
N TRP A 21 24.85 -14.95 5.56
CA TRP A 21 25.11 -15.58 6.84
C TRP A 21 25.27 -17.09 6.73
N GLU A 22 24.80 -17.66 5.62
CA GLU A 22 25.03 -19.08 5.34
C GLU A 22 26.46 -19.28 4.89
N LEU A 23 26.99 -18.31 4.14
CA LEU A 23 28.34 -18.40 3.62
C LEU A 23 29.38 -18.03 4.67
N TYR A 24 29.06 -17.02 5.48
CA TYR A 24 29.94 -16.62 6.56
C TYR A 24 30.06 -17.73 7.60
N SER A 25 28.97 -18.44 7.81
CA SER A 25 28.98 -19.59 8.72
C SER A 25 29.81 -20.73 8.15
N LEU A 26 29.84 -20.85 6.83
CA LEU A 26 30.56 -21.92 6.19
C LEU A 26 32.04 -21.59 6.05
N GLU A 27 32.35 -20.30 6.02
CA GLU A 27 33.74 -19.85 5.90
C GLU A 27 34.49 -19.94 7.22
N HIS A 28 33.77 -19.78 8.31
CA HIS A 28 34.39 -19.76 9.63
C HIS A 28 34.12 -21.02 10.43
N GLY A 29 33.50 -22.00 9.77
CA GLY A 29 33.24 -23.29 10.40
C GLY A 29 32.21 -23.23 11.50
N ILE A 30 31.15 -22.46 11.27
CA ILE A 30 30.06 -22.37 12.23
C ILE A 30 28.85 -23.15 11.72
N LYS A 31 28.42 -24.14 12.51
CA LYS A 31 27.24 -24.92 12.19
C LYS A 31 26.00 -24.06 12.43
N PRO A 32 24.83 -24.48 11.90
CA PRO A 32 23.59 -23.75 12.16
C PRO A 32 23.26 -23.57 13.64
N ASP A 33 23.85 -24.40 14.50
CA ASP A 33 23.67 -24.28 15.94
C ASP A 33 24.29 -22.99 16.47
N GLY A 34 25.32 -22.51 15.77
CA GLY A 34 26.14 -21.43 16.26
C GLY A 34 27.37 -22.02 16.91
N HIS A 35 27.49 -23.34 16.77
CA HIS A 35 28.61 -24.09 17.32
C HIS A 35 29.67 -24.36 16.25
N LEU A 36 30.84 -24.79 16.68
CA LEU A 36 31.92 -25.10 15.75
C LEU A 36 31.71 -26.45 15.07
N GLU A 37 32.10 -26.53 13.81
CA GLU A 37 32.06 -27.80 13.08
C GLU A 37 33.01 -28.79 13.75
N ASP A 38 32.76 -30.08 13.52
CA ASP A 38 33.50 -31.14 14.18
C ASP A 38 35.00 -31.09 13.89
N GLY A 39 35.80 -30.91 14.96
CA GLY A 39 37.24 -30.99 14.85
C GLY A 39 37.97 -29.66 14.91
N LEU A 40 37.23 -28.57 14.77
CA LEU A 40 37.82 -27.24 14.65
C LEU A 40 38.56 -26.74 15.90
N SER A 41 37.88 -26.76 17.04
CA SER A 41 38.37 -26.20 18.31
C SER A 41 38.42 -24.66 18.30
N LYS A 42 38.66 -24.08 17.13
CA LYS A 42 38.68 -22.63 16.96
C LYS A 42 38.05 -22.27 15.62
N PRO A 43 37.32 -21.15 15.58
CA PRO A 43 36.72 -20.67 14.32
C PRO A 43 37.81 -20.32 13.32
N LYS A 44 37.54 -20.55 12.03
CA LYS A 44 38.56 -20.40 11.00
C LYS A 44 39.06 -18.96 10.86
N GLY A 45 38.19 -18.01 11.19
CA GLY A 45 38.58 -16.61 11.26
C GLY A 45 39.42 -16.34 12.49
N GLY A 46 38.75 -16.05 13.61
CA GLY A 46 39.42 -15.69 14.84
C GLY A 46 40.53 -16.65 15.21
N GLU A 47 41.64 -16.13 15.73
CA GLU A 47 41.80 -14.70 16.02
C GLU A 47 42.30 -13.86 14.84
N GLU A 48 41.35 -13.40 14.03
CA GLU A 48 41.58 -12.43 12.96
C GLU A 48 40.28 -12.22 12.18
N GLY A 49 39.44 -11.30 12.65
CA GLY A 49 38.27 -10.90 11.89
C GLY A 49 36.93 -11.51 12.26
N PHE A 50 36.92 -12.80 12.58
CA PHE A 50 35.69 -13.51 12.88
C PHE A 50 34.94 -12.89 14.05
N SER A 51 35.68 -12.31 14.98
CA SER A 51 35.08 -11.68 16.15
C SER A 51 34.25 -10.45 15.78
N THR A 52 34.53 -9.88 14.60
CA THR A 52 33.87 -8.66 14.16
C THR A 52 32.41 -8.91 13.80
N PHE A 53 32.15 -10.03 13.14
CA PHE A 53 30.79 -10.33 12.68
C PHE A 53 30.08 -11.35 13.56
N PHE A 54 30.85 -12.11 14.33
CA PHE A 54 30.26 -13.10 15.23
C PHE A 54 30.49 -12.75 16.69
N HIS A 55 29.49 -13.02 17.52
CA HIS A 55 29.58 -12.73 18.94
C HIS A 55 29.51 -14.01 19.77
N GLU A 56 30.64 -14.38 20.38
CA GLU A 56 30.65 -15.53 21.26
C GLU A 56 29.88 -15.20 22.54
N THR A 57 28.59 -15.53 22.55
CA THR A 57 27.72 -15.18 23.67
C THR A 57 27.91 -16.10 24.86
N GLY A 58 28.79 -17.07 24.70
CA GLY A 58 29.08 -18.05 25.72
C GLY A 58 29.99 -19.10 25.12
N TYR A 59 30.60 -19.92 25.96
CA TYR A 59 31.54 -20.95 25.50
C TYR A 59 30.94 -21.79 24.38
N GLY A 60 31.65 -21.86 23.25
CA GLY A 60 31.24 -22.67 22.12
C GLY A 60 30.08 -22.11 21.32
N LYS A 61 29.42 -21.09 21.85
CA LYS A 61 28.24 -20.52 21.22
C LYS A 61 28.54 -19.20 20.52
N PHE A 62 28.48 -19.22 19.19
CA PHE A 62 28.81 -18.06 18.37
C PHE A 62 27.58 -17.57 17.62
N VAL A 63 27.14 -16.34 17.89
CA VAL A 63 25.95 -15.78 17.24
C VAL A 63 26.27 -14.52 16.45
N PRO A 64 25.87 -14.50 15.17
CA PRO A 64 26.10 -13.36 14.27
C PRO A 64 25.58 -12.05 14.82
N ARG A 65 26.38 -10.99 14.70
CA ARG A 65 25.95 -9.66 15.11
C ARG A 65 25.04 -9.07 14.04
N ALA A 66 23.80 -9.54 14.00
CA ALA A 66 22.88 -9.16 12.93
C ALA A 66 21.49 -8.83 13.43
N ILE A 67 20.78 -8.00 12.67
CA ILE A 67 19.41 -7.64 13.00
C ILE A 67 18.55 -7.67 11.73
N TYR A 68 17.56 -8.55 11.71
CA TYR A 68 16.63 -8.61 10.58
C TYR A 68 15.42 -7.72 10.87
N VAL A 69 14.99 -6.96 9.88
CA VAL A 69 13.77 -6.15 10.00
C VAL A 69 12.86 -6.34 8.80
N ASP A 70 11.58 -6.59 9.08
CA ASP A 70 10.58 -6.73 8.02
C ASP A 70 9.21 -6.42 8.60
N LEU A 71 8.40 -5.69 7.83
CA LEU A 71 7.08 -5.27 8.30
C LEU A 71 6.06 -6.41 8.24
N GLU A 72 6.29 -7.37 7.35
CA GLU A 72 5.49 -8.60 7.34
C GLU A 72 6.27 -9.68 8.09
N PRO A 73 5.55 -10.60 8.73
CA PRO A 73 6.23 -11.67 9.47
C PRO A 73 6.63 -12.83 8.57
N ASN A 74 6.19 -12.82 7.32
CA ASN A 74 6.36 -13.96 6.41
C ASN A 74 7.82 -14.39 6.20
N VAL A 75 8.65 -13.49 5.72
CA VAL A 75 10.04 -13.82 5.39
C VAL A 75 10.83 -14.26 6.62
N ILE A 76 10.69 -13.50 7.69
CA ILE A 76 11.42 -13.77 8.93
C ILE A 76 10.95 -15.05 9.63
N ASP A 77 9.66 -15.36 9.55
CA ASP A 77 9.12 -16.60 10.09
C ASP A 77 9.82 -17.82 9.51
N GLU A 78 10.18 -17.74 8.23
CA GLU A 78 10.93 -18.81 7.57
C GLU A 78 12.27 -19.03 8.26
N VAL A 79 12.87 -17.96 8.76
CA VAL A 79 14.12 -18.05 9.50
C VAL A 79 13.88 -18.70 10.86
N ARG A 80 12.80 -18.25 11.52
CA ARG A 80 12.44 -18.75 12.83
C ARG A 80 12.08 -20.24 12.80
N ASN A 81 11.67 -20.72 11.63
CA ASN A 81 11.25 -22.12 11.49
C ASN A 81 12.19 -22.91 10.59
N GLY A 82 13.27 -22.26 10.14
CA GLY A 82 14.22 -22.89 9.24
C GLY A 82 15.31 -23.64 9.97
N PRO A 83 16.30 -24.15 9.21
CA PRO A 83 17.43 -24.91 9.77
C PRO A 83 18.40 -24.01 10.54
N TYR A 84 18.28 -22.70 10.35
CA TYR A 84 19.13 -21.75 11.05
C TYR A 84 18.35 -21.04 12.15
N LYS A 85 17.30 -21.70 12.65
CA LYS A 85 16.45 -21.12 13.68
C LYS A 85 17.21 -20.92 14.99
N ASP A 86 18.31 -21.64 15.14
CA ASP A 86 19.10 -21.58 16.36
C ASP A 86 20.31 -20.65 16.23
N LEU A 87 20.64 -20.28 14.99
CA LEU A 87 21.77 -19.41 14.73
C LEU A 87 21.55 -18.03 15.34
N PHE A 88 20.43 -17.42 15.02
CA PHE A 88 20.10 -16.10 15.53
C PHE A 88 19.36 -16.20 16.86
N HIS A 89 19.57 -15.22 17.73
CA HIS A 89 18.73 -15.06 18.90
C HIS A 89 17.39 -14.52 18.43
N PRO A 90 16.30 -14.98 19.05
CA PRO A 90 14.94 -14.55 18.69
C PRO A 90 14.76 -13.04 18.80
N GLU A 91 15.55 -12.41 19.66
CA GLU A 91 15.49 -10.96 19.86
C GLU A 91 16.05 -10.19 18.67
N GLN A 92 16.73 -10.90 17.78
CA GLN A 92 17.38 -10.26 16.63
C GLN A 92 16.49 -10.27 15.39
N LEU A 93 15.42 -11.05 15.42
CA LEU A 93 14.51 -11.14 14.28
C LEU A 93 13.22 -10.39 14.57
N ILE A 94 13.11 -9.18 14.04
CA ILE A 94 11.98 -8.31 14.34
C ILE A 94 10.99 -8.22 13.19
N SER A 95 9.71 -8.42 13.49
CA SER A 95 8.69 -8.36 12.45
C SER A 95 7.42 -7.64 12.90
N GLY A 96 6.72 -7.04 11.95
CA GLY A 96 5.42 -6.44 12.20
C GLY A 96 4.32 -7.39 11.80
N LYS A 97 3.10 -6.87 11.68
CA LYS A 97 1.97 -7.71 11.30
C LYS A 97 1.48 -7.40 9.88
N GLU A 98 1.69 -6.17 9.43
CA GLU A 98 1.35 -5.78 8.07
C GLU A 98 2.49 -5.01 7.42
N ASP A 99 2.70 -5.22 6.12
CA ASP A 99 3.83 -4.61 5.44
C ASP A 99 3.55 -3.24 4.83
N ALA A 100 4.54 -2.71 4.12
CA ALA A 100 4.43 -1.39 3.50
C ALA A 100 3.82 -1.47 2.11
N ALA A 101 3.61 -2.70 1.63
CA ALA A 101 2.91 -2.95 0.37
C ALA A 101 3.44 -2.15 -0.82
N ASN A 102 4.71 -2.37 -1.14
CA ASN A 102 5.40 -1.68 -2.24
C ASN A 102 5.34 -0.15 -2.19
N ASN A 103 5.05 0.39 -1.00
CA ASN A 103 4.89 1.83 -0.83
C ASN A 103 5.93 2.39 0.12
N TYR A 104 6.81 3.23 -0.41
CA TYR A 104 7.88 3.84 0.36
C TYR A 104 7.32 4.68 1.50
N ALA A 105 6.15 5.27 1.25
CA ALA A 105 5.53 6.19 2.19
C ALA A 105 5.21 5.55 3.54
N ARG A 106 4.38 4.50 3.53
CA ARG A 106 4.02 3.85 4.79
C ARG A 106 5.20 3.13 5.43
N GLY A 107 6.22 2.82 4.61
CA GLY A 107 7.44 2.24 5.12
C GLY A 107 8.23 3.27 5.88
N HIS A 108 8.18 4.52 5.42
CA HIS A 108 8.96 5.60 6.00
C HIS A 108 8.15 6.45 6.97
N TYR A 109 6.90 6.75 6.60
CA TYR A 109 6.09 7.69 7.37
C TYR A 109 5.02 7.02 8.25
N THR A 110 4.24 6.11 7.69
CA THR A 110 3.12 5.52 8.42
C THR A 110 3.49 4.28 9.22
N VAL A 111 3.46 3.12 8.57
CA VAL A 111 3.65 1.83 9.24
C VAL A 111 5.02 1.67 9.89
N GLY A 112 6.08 1.78 9.08
CA GLY A 112 7.44 1.56 9.54
C GLY A 112 7.84 2.42 10.74
N ARG A 113 7.14 3.53 10.90
CA ARG A 113 7.34 4.42 12.04
C ARG A 113 6.92 3.73 13.33
N GLU A 114 5.98 2.81 13.24
CA GLU A 114 5.40 2.15 14.41
C GLU A 114 6.31 1.07 15.00
N ILE A 115 7.25 0.57 14.21
CA ILE A 115 8.14 -0.49 14.66
C ILE A 115 9.55 0.05 14.92
N LEU A 116 9.72 1.36 14.71
CA LEU A 116 11.04 2.00 14.82
C LEU A 116 11.70 1.85 16.18
N GLY A 117 10.94 2.12 17.24
CA GLY A 117 11.46 2.05 18.60
C GLY A 117 12.08 0.71 18.95
N ASP A 118 11.41 -0.37 18.54
CA ASP A 118 11.92 -1.71 18.77
C ASP A 118 13.29 -1.91 18.15
N VAL A 119 13.40 -1.62 16.86
CA VAL A 119 14.65 -1.79 16.12
C VAL A 119 15.78 -0.97 16.71
N LEU A 120 15.49 0.27 17.11
CA LEU A 120 16.50 1.15 17.69
C LEU A 120 16.95 0.67 19.07
N ASP A 121 16.09 -0.10 19.74
CA ASP A 121 16.43 -0.71 21.01
C ASP A 121 17.35 -1.91 20.84
N ARG A 122 17.00 -2.81 19.93
CA ARG A 122 17.78 -4.02 19.70
C ARG A 122 19.18 -3.69 19.21
N ILE A 123 19.28 -2.70 18.33
CA ILE A 123 20.57 -2.23 17.83
C ILE A 123 21.41 -1.72 18.99
N ARG A 124 20.76 -0.98 19.88
CA ARG A 124 21.42 -0.44 21.07
C ARG A 124 21.86 -1.56 22.00
N LYS A 125 21.05 -2.61 22.08
CA LYS A 125 21.43 -3.79 22.87
C LYS A 125 22.69 -4.41 22.30
N LEU A 126 22.77 -4.48 20.97
CA LEU A 126 23.93 -5.02 20.29
C LEU A 126 25.14 -4.07 20.39
N ALA A 127 24.88 -2.78 20.23
CA ALA A 127 25.94 -1.77 20.29
C ALA A 127 26.59 -1.71 21.67
N ASP A 128 25.85 -2.13 22.69
CA ASP A 128 26.36 -2.13 24.06
C ASP A 128 27.21 -3.36 24.34
N GLN A 129 27.04 -4.40 23.54
CA GLN A 129 27.82 -5.63 23.69
C GLN A 129 29.11 -5.54 22.88
N CYS A 130 29.45 -4.33 22.47
CA CYS A 130 30.66 -4.10 21.70
C CYS A 130 31.72 -3.37 22.52
N ASP A 131 32.98 -3.65 22.23
CA ASP A 131 34.08 -3.02 22.96
C ASP A 131 34.79 -1.99 22.09
N GLY A 132 34.23 -1.74 20.92
CA GLY A 132 34.79 -0.77 19.99
C GLY A 132 34.03 -0.78 18.68
N LEU A 133 32.73 -0.49 18.77
CA LEU A 133 31.84 -0.54 17.62
C LEU A 133 32.35 0.28 16.44
N GLN A 134 32.51 -0.39 15.30
CA GLN A 134 33.11 0.21 14.12
C GLN A 134 32.05 0.81 13.20
N GLY A 135 30.91 0.13 13.10
CA GLY A 135 29.83 0.62 12.27
C GLY A 135 28.83 -0.46 11.85
N PHE A 136 28.13 -0.19 10.74
CA PHE A 136 27.04 -1.05 10.31
C PHE A 136 27.13 -1.46 8.83
N LEU A 137 26.39 -2.50 8.47
CA LEU A 137 26.28 -2.95 7.09
C LEU A 137 24.83 -3.10 6.66
N PHE A 138 24.27 -2.05 6.09
CA PHE A 138 22.89 -2.08 5.62
C PHE A 138 22.74 -2.87 4.33
N THR A 139 21.73 -3.72 4.29
CA THR A 139 21.41 -4.47 3.08
C THR A 139 19.90 -4.49 2.87
N HIS A 140 19.47 -3.94 1.74
CA HIS A 140 18.04 -3.73 1.49
C HIS A 140 17.82 -3.40 0.02
N SER A 141 16.64 -3.74 -0.49
CA SER A 141 16.25 -3.33 -1.83
C SER A 141 15.72 -1.90 -1.79
N LEU A 142 15.68 -1.26 -2.95
CA LEU A 142 15.14 0.09 -3.04
C LEU A 142 13.78 0.06 -3.75
N GLY A 143 13.28 -1.13 -4.00
CA GLY A 143 12.05 -1.30 -4.74
C GLY A 143 10.81 -1.36 -3.86
N GLY A 144 10.83 -2.25 -2.88
CA GLY A 144 9.70 -2.43 -1.98
C GLY A 144 9.42 -1.22 -1.11
N GLY A 145 8.47 -1.36 -0.19
CA GLY A 145 8.11 -0.26 0.67
C GLY A 145 8.87 -0.24 1.99
N THR A 146 9.24 -1.42 2.46
CA THR A 146 9.90 -1.56 3.76
C THR A 146 11.40 -1.33 3.67
N GLY A 147 12.07 -2.12 2.83
CA GLY A 147 13.51 -1.99 2.66
C GLY A 147 13.89 -0.62 2.17
N SER A 148 12.96 0.02 1.46
CA SER A 148 13.17 1.36 0.93
C SER A 148 12.76 2.43 1.93
N GLY A 149 11.54 2.31 2.46
CA GLY A 149 10.99 3.31 3.36
C GLY A 149 11.53 3.24 4.77
N LEU A 150 11.47 2.04 5.34
CA LEU A 150 11.94 1.82 6.70
C LEU A 150 13.46 1.75 6.72
N GLY A 151 14.04 1.25 5.63
CA GLY A 151 15.48 1.15 5.51
C GLY A 151 16.14 2.52 5.55
N SER A 152 15.61 3.45 4.76
CA SER A 152 16.13 4.80 4.71
C SER A 152 15.91 5.52 6.04
N LEU A 153 14.75 5.28 6.64
CA LEU A 153 14.42 5.83 7.95
C LEU A 153 15.40 5.33 9.00
N LEU A 154 15.75 4.06 8.89
CA LEU A 154 16.66 3.42 9.83
C LEU A 154 18.08 3.96 9.66
N LEU A 155 18.45 4.26 8.42
CA LEU A 155 19.77 4.81 8.12
C LEU A 155 19.91 6.24 8.61
N GLU A 156 18.76 6.90 8.79
CA GLU A 156 18.73 8.27 9.28
C GLU A 156 18.85 8.31 10.79
N GLU A 157 18.16 7.40 11.46
CA GLU A 157 18.21 7.32 12.92
C GLU A 157 19.53 6.75 13.42
N LEU A 158 20.22 6.01 12.55
CA LEU A 158 21.55 5.49 12.90
C LEU A 158 22.59 6.60 12.84
N SER A 159 22.41 7.53 11.92
CA SER A 159 23.29 8.68 11.82
C SER A 159 23.03 9.63 12.99
N ALA A 160 21.85 9.51 13.58
CA ALA A 160 21.45 10.37 14.69
C ALA A 160 22.13 10.00 16.02
N GLU A 161 22.16 8.71 16.35
CA GLU A 161 22.70 8.29 17.64
C GLU A 161 24.04 7.56 17.56
N TYR A 162 24.44 7.18 16.34
CA TYR A 162 25.75 6.57 16.12
C TYR A 162 26.51 7.37 15.07
N GLY A 163 26.61 8.67 15.29
CA GLY A 163 27.18 9.59 14.31
C GLY A 163 28.61 9.31 13.91
N LYS A 164 29.47 9.05 14.88
CA LYS A 164 30.90 8.85 14.63
C LYS A 164 31.19 7.48 14.03
N LYS A 165 30.16 6.64 13.92
CA LYS A 165 30.33 5.30 13.37
C LYS A 165 29.98 5.30 11.88
N SER A 166 30.77 4.58 11.09
CA SER A 166 30.60 4.56 9.65
C SER A 166 29.60 3.50 9.20
N LYS A 167 28.90 3.77 8.10
CA LYS A 167 27.89 2.84 7.61
C LYS A 167 28.10 2.48 6.13
N LEU A 168 28.12 1.19 5.83
CA LEU A 168 28.19 0.72 4.45
C LEU A 168 26.86 0.11 4.02
N GLU A 169 26.49 0.32 2.76
CA GLU A 169 25.17 -0.05 2.28
C GLU A 169 25.22 -0.94 1.04
N PHE A 170 24.42 -2.01 1.06
CA PHE A 170 24.23 -2.85 -0.11
C PHE A 170 22.80 -2.70 -0.61
N ALA A 171 22.64 -1.98 -1.70
CA ALA A 171 21.32 -1.64 -2.21
C ALA A 171 20.96 -2.44 -3.45
N VAL A 172 19.79 -3.08 -3.41
CA VAL A 172 19.32 -3.89 -4.53
C VAL A 172 18.54 -3.05 -5.54
N TYR A 173 19.27 -2.51 -6.51
CA TYR A 173 18.72 -1.71 -7.58
C TYR A 173 17.66 -2.51 -8.35
N PRO A 174 16.47 -1.92 -8.55
CA PRO A 174 15.32 -2.61 -9.14
C PRO A 174 15.51 -2.96 -10.61
N ALA A 175 14.95 -4.09 -11.02
CA ALA A 175 15.02 -4.53 -12.41
C ALA A 175 13.66 -5.04 -12.87
N PRO A 176 13.24 -4.65 -14.08
CA PRO A 176 11.94 -5.00 -14.64
C PRO A 176 11.70 -6.51 -14.75
N GLN A 177 12.75 -7.28 -14.95
CA GLN A 177 12.65 -8.74 -15.12
C GLN A 177 12.17 -9.45 -13.86
N VAL A 178 12.56 -8.93 -12.69
CA VAL A 178 12.19 -9.53 -11.42
C VAL A 178 11.43 -8.55 -10.53
N SER A 179 10.82 -7.54 -11.15
CA SER A 179 10.11 -6.51 -10.40
C SER A 179 8.88 -7.08 -9.74
N THR A 180 8.43 -6.44 -8.67
CA THR A 180 7.23 -6.84 -7.96
C THR A 180 6.26 -5.67 -7.84
N SER A 181 6.64 -4.55 -8.45
CA SER A 181 5.87 -3.32 -8.33
C SER A 181 6.08 -2.36 -9.49
N VAL A 182 5.02 -1.67 -9.88
CA VAL A 182 5.10 -0.69 -10.96
C VAL A 182 5.74 0.60 -10.45
N VAL A 183 5.61 0.85 -9.14
CA VAL A 183 6.08 2.10 -8.55
C VAL A 183 7.50 1.98 -7.97
N GLU A 184 8.22 0.96 -8.39
CA GLU A 184 9.61 0.79 -8.00
C GLU A 184 10.53 1.99 -8.32
N PRO A 185 10.34 2.65 -9.49
CA PRO A 185 11.14 3.86 -9.74
C PRO A 185 10.91 4.95 -8.70
N TYR A 186 9.68 5.10 -8.24
CA TYR A 186 9.35 6.07 -7.20
C TYR A 186 10.14 5.79 -5.93
N ASN A 187 9.97 4.58 -5.42
CA ASN A 187 10.64 4.13 -4.20
C ASN A 187 12.15 4.35 -4.27
N THR A 188 12.74 3.95 -5.40
CA THR A 188 14.18 4.06 -5.61
C THR A 188 14.69 5.49 -5.50
N VAL A 189 14.08 6.39 -6.27
CA VAL A 189 14.49 7.80 -6.26
C VAL A 189 14.29 8.45 -4.89
N LEU A 190 13.25 8.02 -4.18
CA LEU A 190 12.94 8.57 -2.85
C LEU A 190 13.97 8.23 -1.78
N THR A 191 14.45 6.99 -1.77
CA THR A 191 15.40 6.54 -0.75
C THR A 191 16.80 7.06 -1.02
N THR A 192 17.21 6.96 -2.28
CA THR A 192 18.53 7.43 -2.71
C THR A 192 18.73 8.88 -2.29
N HIS A 193 17.66 9.64 -2.32
CA HIS A 193 17.67 11.01 -1.83
C HIS A 193 17.80 11.08 -0.31
N THR A 194 17.16 10.16 0.38
CA THR A 194 17.16 10.19 1.85
C THR A 194 18.24 9.32 2.47
N THR A 195 19.11 8.75 1.64
CA THR A 195 20.25 7.98 2.13
C THR A 195 21.54 8.48 1.50
N LEU A 196 21.46 9.60 0.80
CA LEU A 196 22.61 10.14 0.07
C LEU A 196 23.61 10.81 1.01
N GLU A 197 23.13 11.15 2.22
CA GLU A 197 24.01 11.74 3.22
C GLU A 197 24.00 10.92 4.52
N HIS A 198 23.64 9.64 4.39
CA HIS A 198 23.61 8.76 5.56
C HIS A 198 24.25 7.42 5.22
N ALA A 199 25.19 7.45 4.28
CA ALA A 199 25.93 6.27 3.87
C ALA A 199 27.33 6.70 3.43
N ASP A 200 28.35 6.02 3.96
CA ASP A 200 29.73 6.37 3.65
C ASP A 200 30.19 5.73 2.34
N CYS A 201 29.60 4.59 2.00
CA CYS A 201 29.90 3.89 0.75
C CYS A 201 28.81 2.88 0.43
N THR A 202 28.12 3.08 -0.68
CA THR A 202 27.01 2.22 -1.08
C THR A 202 27.34 1.33 -2.27
N PHE A 203 27.28 0.02 -2.08
CA PHE A 203 27.49 -0.93 -3.17
C PHE A 203 26.16 -1.27 -3.82
N MET A 204 26.02 -0.93 -5.10
CA MET A 204 24.76 -1.11 -5.80
C MET A 204 24.65 -2.50 -6.42
N VAL A 205 23.53 -3.17 -6.17
CA VAL A 205 23.29 -4.48 -6.77
C VAL A 205 22.11 -4.42 -7.71
N ASP A 206 22.40 -4.29 -9.00
CA ASP A 206 21.37 -4.26 -10.02
C ASP A 206 20.86 -5.68 -10.29
N ASN A 207 19.60 -5.91 -9.98
CA ASN A 207 18.99 -7.23 -10.15
C ASN A 207 19.01 -7.72 -11.61
N GLU A 208 19.18 -6.79 -12.54
CA GLU A 208 19.20 -7.14 -13.95
C GLU A 208 20.55 -7.75 -14.34
N ALA A 209 21.62 -7.24 -13.71
CA ALA A 209 22.96 -7.74 -13.96
C ALA A 209 23.15 -9.12 -13.35
N ILE A 210 22.71 -9.27 -12.10
CA ILE A 210 22.78 -10.56 -11.40
C ILE A 210 21.93 -11.60 -12.10
N TYR A 211 20.77 -11.18 -12.62
CA TYR A 211 19.87 -12.06 -13.36
C TYR A 211 20.58 -12.63 -14.58
N ASP A 212 21.11 -11.75 -15.42
CA ASP A 212 21.72 -12.15 -16.67
C ASP A 212 23.05 -12.89 -16.46
N MET A 213 23.69 -12.65 -15.32
CA MET A 213 24.91 -13.38 -14.97
C MET A 213 24.57 -14.82 -14.60
N CYS A 214 23.48 -15.00 -13.86
CA CYS A 214 22.98 -16.32 -13.52
C CYS A 214 22.51 -17.05 -14.77
N LYS A 215 22.03 -16.28 -15.73
CA LYS A 215 21.50 -16.84 -16.97
C LYS A 215 22.63 -17.27 -17.90
N ARG A 216 23.63 -16.41 -18.04
CA ARG A 216 24.75 -16.69 -18.94
C ARG A 216 25.79 -17.63 -18.32
N ASN A 217 26.51 -17.14 -17.32
CA ASN A 217 27.60 -17.90 -16.71
C ASN A 217 27.15 -19.17 -15.99
N LEU A 218 25.99 -19.11 -15.34
CA LEU A 218 25.48 -20.25 -14.57
C LEU A 218 24.51 -21.14 -15.35
N ASP A 219 24.13 -20.69 -16.55
CA ASP A 219 23.32 -21.49 -17.47
C ASP A 219 21.92 -21.81 -16.93
N ILE A 220 21.30 -20.84 -16.26
CA ILE A 220 19.95 -21.00 -15.74
C ILE A 220 18.95 -20.17 -16.54
N PRO A 221 18.00 -20.84 -17.22
CA PRO A 221 17.04 -20.19 -18.13
C PRO A 221 16.07 -19.24 -17.42
N ARG A 222 15.83 -19.47 -16.13
CA ARG A 222 15.00 -18.59 -15.34
C ARG A 222 15.46 -18.66 -13.89
N PRO A 223 16.44 -17.80 -13.54
CA PRO A 223 16.98 -17.79 -12.17
C PRO A 223 15.96 -17.26 -11.18
N SER A 224 15.83 -17.96 -10.05
CA SER A 224 14.94 -17.52 -8.98
C SER A 224 15.68 -16.57 -8.06
N PHE A 225 14.97 -16.04 -7.06
CA PHE A 225 15.57 -15.15 -6.08
C PHE A 225 16.69 -15.86 -5.30
N ALA A 226 16.52 -17.16 -5.09
CA ALA A 226 17.54 -17.97 -4.42
C ALA A 226 18.81 -18.02 -5.26
N ASN A 227 18.65 -18.13 -6.58
CA ASN A 227 19.78 -18.13 -7.50
C ASN A 227 20.55 -16.82 -7.43
N LEU A 228 19.82 -15.71 -7.53
CA LEU A 228 20.39 -14.37 -7.46
C LEU A 228 21.13 -14.15 -6.13
N ASN A 229 20.51 -14.59 -5.05
CA ASN A 229 21.07 -14.38 -3.72
C ASN A 229 22.34 -15.20 -3.46
N ASN A 230 22.40 -16.38 -4.07
CA ASN A 230 23.59 -17.21 -3.95
C ASN A 230 24.80 -16.51 -4.56
N LEU A 231 24.60 -15.94 -5.74
CA LEU A 231 25.65 -15.22 -6.44
C LEU A 231 26.03 -13.97 -5.64
N ILE A 232 25.02 -13.23 -5.21
CA ILE A 232 25.23 -11.98 -4.49
C ILE A 232 26.07 -12.17 -3.24
N ALA A 233 25.71 -13.19 -2.45
CA ALA A 233 26.44 -13.53 -1.23
C ALA A 233 27.89 -13.85 -1.53
N GLN A 234 28.11 -14.57 -2.63
CA GLN A 234 29.44 -14.94 -3.05
C GLN A 234 30.30 -13.71 -3.29
N VAL A 235 29.65 -12.65 -3.78
CA VAL A 235 30.34 -11.39 -4.06
C VAL A 235 30.53 -10.58 -2.79
N VAL A 236 29.46 -10.41 -2.02
CA VAL A 236 29.50 -9.67 -0.77
C VAL A 236 30.51 -10.28 0.21
N SER A 237 30.53 -11.60 0.28
CA SER A 237 31.51 -12.31 1.10
C SER A 237 32.94 -11.98 0.68
N SER A 238 33.12 -11.80 -0.63
CA SER A 238 34.42 -11.46 -1.18
C SER A 238 34.79 -10.01 -0.87
N VAL A 239 33.78 -9.15 -0.86
CA VAL A 239 33.97 -7.74 -0.55
C VAL A 239 34.39 -7.56 0.92
N THR A 240 33.83 -8.37 1.80
CA THR A 240 34.10 -8.26 3.22
C THR A 240 35.01 -9.39 3.73
N ALA A 241 35.78 -9.99 2.83
CA ALA A 241 36.68 -11.08 3.20
C ALA A 241 37.88 -10.55 3.98
N SER A 242 38.35 -9.37 3.59
CA SER A 242 39.51 -8.76 4.25
C SER A 242 39.18 -8.31 5.67
N LEU A 243 37.89 -8.11 5.95
CA LEU A 243 37.45 -7.75 7.29
C LEU A 243 37.44 -8.97 8.21
N ARG A 244 37.10 -10.13 7.64
CA ARG A 244 36.93 -11.35 8.42
C ARG A 244 38.19 -12.20 8.45
N PHE A 245 39.14 -11.91 7.57
CA PHE A 245 40.37 -12.70 7.48
C PHE A 245 41.61 -11.83 7.36
N ASP A 246 42.73 -12.45 6.98
CA ASP A 246 43.98 -11.72 6.79
C ASP A 246 43.84 -10.78 5.59
N GLY A 247 43.86 -9.49 5.87
CA GLY A 247 43.69 -8.49 4.83
C GLY A 247 44.89 -7.60 4.65
N SER A 248 45.20 -7.28 3.39
CA SER A 248 46.27 -6.34 3.08
C SER A 248 45.69 -5.07 2.49
N LEU A 249 44.36 -5.03 2.39
CA LEU A 249 43.64 -3.88 1.88
C LEU A 249 42.20 -3.89 2.38
N ASN A 250 41.69 -2.73 2.74
CA ASN A 250 40.34 -2.59 3.28
C ASN A 250 40.07 -3.45 4.51
N VAL A 251 40.97 -3.37 5.48
CA VAL A 251 40.82 -4.12 6.72
C VAL A 251 40.00 -3.34 7.73
N ASP A 252 39.39 -2.26 7.26
CA ASP A 252 38.68 -1.32 8.11
C ASP A 252 37.53 -0.74 7.30
N LEU A 253 36.37 -0.58 7.94
CA LEU A 253 35.21 0.03 7.28
C LEU A 253 35.57 1.41 6.77
N ASN A 254 36.35 2.13 7.57
CA ASN A 254 36.76 3.48 7.21
C ASN A 254 37.68 3.50 6.00
N GLU A 255 38.41 2.41 5.79
CA GLU A 255 39.32 2.30 4.65
C GLU A 255 38.57 2.31 3.32
N PHE A 256 37.28 1.96 3.35
CA PHE A 256 36.46 1.97 2.16
C PHE A 256 36.19 3.39 1.66
N GLN A 257 35.76 4.26 2.57
CA GLN A 257 35.50 5.65 2.23
C GLN A 257 36.80 6.32 1.81
N THR A 258 37.90 5.90 2.43
CA THR A 258 39.22 6.43 2.15
C THR A 258 39.71 5.99 0.76
N ASN A 259 39.54 4.72 0.45
CA ASN A 259 40.07 4.15 -0.78
C ASN A 259 39.20 4.38 -2.01
N LEU A 260 37.91 4.59 -1.81
CA LEU A 260 36.97 4.61 -2.93
C LEU A 260 36.27 5.95 -3.14
N VAL A 261 36.00 6.69 -2.07
CA VAL A 261 35.26 7.94 -2.22
C VAL A 261 36.14 9.19 -2.10
N PRO A 262 36.12 10.04 -3.14
CA PRO A 262 36.81 11.33 -3.13
C PRO A 262 35.95 12.38 -2.44
N TYR A 263 34.67 12.36 -2.77
CA TYR A 263 33.70 13.29 -2.21
C TYR A 263 32.57 12.48 -1.59
N PRO A 264 31.89 13.05 -0.59
CA PRO A 264 30.82 12.34 0.13
C PRO A 264 29.73 11.78 -0.79
N ARG A 265 29.17 12.63 -1.65
CA ARG A 265 28.03 12.23 -2.47
C ARG A 265 28.36 11.14 -3.47
N ILE A 266 29.62 11.10 -3.91
CA ILE A 266 30.09 10.05 -4.79
C ILE A 266 30.66 8.92 -3.95
N HIS A 267 29.85 7.90 -3.71
CA HIS A 267 30.28 6.75 -2.92
C HIS A 267 29.58 5.48 -3.41
N PHE A 268 29.38 5.41 -4.72
CA PHE A 268 28.73 4.26 -5.34
C PHE A 268 29.71 3.59 -6.31
N PRO A 269 30.56 2.68 -5.79
CA PRO A 269 31.53 1.99 -6.63
C PRO A 269 30.90 0.90 -7.49
N LEU A 270 31.49 0.64 -8.64
CA LEU A 270 31.05 -0.45 -9.52
C LEU A 270 31.80 -1.71 -9.12
N VAL A 271 31.06 -2.75 -8.77
CA VAL A 271 31.67 -3.99 -8.26
C VAL A 271 31.75 -5.07 -9.33
N SER A 272 32.94 -5.65 -9.47
CA SER A 272 33.15 -6.74 -10.41
C SER A 272 33.63 -7.98 -9.68
N TYR A 273 33.27 -9.17 -10.18
CA TYR A 273 33.68 -10.42 -9.55
C TYR A 273 33.99 -11.50 -10.59
N SER A 274 35.00 -12.30 -10.30
CA SER A 274 35.45 -13.36 -11.21
C SER A 274 36.24 -14.40 -10.42
N PRO A 275 36.07 -15.69 -10.78
CA PRO A 275 35.17 -16.16 -11.82
C PRO A 275 33.84 -16.67 -11.27
N VAL A 276 32.86 -16.84 -12.15
CA VAL A 276 31.58 -17.42 -11.77
C VAL A 276 31.31 -18.66 -12.63
N LEU A 277 31.77 -19.81 -12.16
CA LEU A 277 31.63 -21.05 -12.91
C LEU A 277 30.45 -21.87 -12.42
N SER A 278 29.88 -22.68 -13.31
CA SER A 278 28.80 -23.58 -12.94
C SER A 278 29.34 -24.73 -12.10
N LYS A 279 28.47 -25.33 -11.29
CA LYS A 279 28.87 -26.41 -10.38
C LYS A 279 29.16 -27.71 -11.13
N SER A 280 29.30 -27.62 -12.45
CA SER A 280 29.60 -28.78 -13.27
C SER A 280 30.96 -28.66 -13.93
N GLU A 285 36.48 -25.62 -15.07
CA GLU A 285 37.76 -26.21 -14.66
C GLU A 285 38.53 -25.26 -13.75
N SER A 286 39.83 -25.12 -14.02
CA SER A 286 40.67 -24.20 -13.25
C SER A 286 41.17 -23.05 -14.11
N ASN A 287 41.27 -21.87 -13.51
CA ASN A 287 41.66 -20.66 -14.23
C ASN A 287 43.00 -20.08 -13.77
N SER A 288 43.09 -18.75 -13.76
CA SER A 288 44.34 -18.08 -13.40
C SER A 288 44.09 -16.64 -12.99
N VAL A 289 45.15 -15.99 -12.49
CA VAL A 289 45.07 -14.62 -12.03
C VAL A 289 44.90 -13.68 -13.20
N SER A 290 45.58 -13.99 -14.31
CA SER A 290 45.52 -13.16 -15.50
C SER A 290 44.12 -13.14 -16.09
N GLU A 291 43.45 -14.29 -16.07
CA GLU A 291 42.13 -14.43 -16.64
C GLU A 291 41.08 -13.67 -15.83
N ILE A 292 41.07 -13.90 -14.52
CA ILE A 292 40.10 -13.27 -13.64
C ILE A 292 40.30 -11.76 -13.57
N THR A 293 41.53 -11.32 -13.77
CA THR A 293 41.81 -9.89 -13.82
C THR A 293 41.23 -9.29 -15.08
N ASN A 294 41.53 -9.90 -16.23
CA ASN A 294 40.96 -9.47 -17.50
C ASN A 294 39.44 -9.51 -17.49
N ALA A 295 38.88 -10.55 -16.87
CA ALA A 295 37.44 -10.74 -16.81
C ALA A 295 36.75 -9.62 -16.04
N CYS A 296 37.48 -9.00 -15.11
CA CYS A 296 36.93 -7.91 -14.30
C CYS A 296 36.61 -6.68 -15.14
N PHE A 297 37.21 -6.62 -16.33
CA PHE A 297 37.03 -5.46 -17.20
C PHE A 297 36.13 -5.77 -18.39
N GLU A 298 35.45 -6.91 -18.32
CA GLU A 298 34.50 -7.30 -19.35
C GLU A 298 33.07 -7.03 -18.88
N PRO A 299 32.19 -6.60 -19.79
CA PRO A 299 30.84 -6.11 -19.49
C PRO A 299 29.94 -7.06 -18.70
N GLY A 300 30.15 -8.37 -18.81
CA GLY A 300 29.26 -9.33 -18.20
C GLY A 300 29.67 -9.83 -16.83
N ASN A 301 30.32 -8.97 -16.04
CA ASN A 301 30.83 -9.37 -14.74
C ASN A 301 30.66 -8.33 -13.63
N GLN A 302 29.75 -7.38 -13.83
CA GLN A 302 29.54 -6.32 -12.85
C GLN A 302 28.21 -6.45 -12.13
N MET A 303 28.13 -5.88 -10.93
CA MET A 303 26.90 -5.92 -10.14
C MET A 303 25.87 -4.95 -10.71
N VAL A 304 26.35 -3.96 -11.45
CA VAL A 304 25.47 -3.04 -12.16
C VAL A 304 25.75 -3.15 -13.65
N LYS A 305 24.70 -3.11 -14.47
CA LYS A 305 24.84 -3.36 -15.89
C LYS A 305 25.37 -2.17 -16.70
N CYS A 306 26.66 -1.88 -16.57
CA CYS A 306 27.32 -0.90 -17.43
C CYS A 306 28.72 -1.38 -17.84
N ASP A 307 29.32 -0.66 -18.78
CA ASP A 307 30.61 -1.04 -19.36
C ASP A 307 31.79 -0.65 -18.49
N PRO A 308 32.64 -1.64 -18.13
CA PRO A 308 33.87 -1.40 -17.36
C PRO A 308 34.84 -0.52 -18.12
N ARG A 309 34.72 -0.53 -19.45
CA ARG A 309 35.61 0.23 -20.31
C ARG A 309 34.95 1.53 -20.76
N ASP A 310 34.25 2.17 -19.82
CA ASP A 310 33.52 3.40 -20.12
C ASP A 310 33.62 4.36 -18.93
N GLY A 311 33.52 5.66 -19.22
CA GLY A 311 33.50 6.66 -18.18
C GLY A 311 34.87 6.95 -17.59
N LYS A 312 34.88 7.59 -16.43
CA LYS A 312 36.11 7.96 -15.76
C LYS A 312 36.28 7.15 -14.49
N TYR A 313 37.51 6.71 -14.23
CA TYR A 313 37.83 5.99 -13.00
C TYR A 313 38.52 6.90 -12.00
N MET A 314 37.94 7.03 -10.82
CA MET A 314 38.50 7.89 -9.78
C MET A 314 39.24 7.09 -8.71
N ALA A 315 38.77 5.87 -8.45
CA ALA A 315 39.41 5.01 -7.48
C ALA A 315 39.17 3.53 -7.82
N THR A 316 40.12 2.68 -7.44
CA THR A 316 40.02 1.27 -7.77
C THR A 316 40.76 0.38 -6.76
N CYS A 317 40.06 -0.64 -6.27
CA CYS A 317 40.65 -1.58 -5.33
C CYS A 317 40.46 -3.02 -5.82
N LEU A 318 41.57 -3.66 -6.20
CA LEU A 318 41.55 -5.05 -6.64
C LEU A 318 41.79 -5.98 -5.45
N LEU A 319 40.83 -6.86 -5.21
CA LEU A 319 40.89 -7.76 -4.04
C LEU A 319 40.88 -9.22 -4.46
N TYR A 320 42.00 -9.91 -4.23
CA TYR A 320 42.16 -11.29 -4.63
C TYR A 320 42.00 -12.26 -3.46
N ARG A 321 41.45 -13.44 -3.72
CA ARG A 321 41.28 -14.46 -2.69
C ARG A 321 41.87 -15.80 -3.11
N GLY A 322 42.22 -16.64 -2.14
CA GLY A 322 42.67 -17.99 -2.39
C GLY A 322 44.14 -18.12 -2.73
N ASP A 323 44.49 -19.22 -3.38
CA ASP A 323 45.86 -19.46 -3.80
C ASP A 323 46.30 -18.42 -4.83
N VAL A 324 46.66 -17.25 -4.35
CA VAL A 324 47.14 -16.18 -5.23
C VAL A 324 48.55 -15.73 -4.82
N VAL A 325 49.43 -15.65 -5.81
CA VAL A 325 50.81 -15.28 -5.57
C VAL A 325 51.11 -13.89 -6.13
N THR A 326 51.76 -13.06 -5.32
CA THR A 326 51.99 -11.66 -5.62
C THR A 326 52.61 -11.38 -6.98
N ARG A 327 53.55 -12.22 -7.39
CA ARG A 327 54.20 -12.07 -8.69
C ARG A 327 53.20 -12.06 -9.84
N ASP A 328 52.18 -12.92 -9.75
CA ASP A 328 51.18 -13.02 -10.79
C ASP A 328 50.30 -11.78 -10.85
N VAL A 329 49.89 -11.28 -9.68
CA VAL A 329 49.01 -10.12 -9.64
C VAL A 329 49.73 -8.86 -10.10
N GLN A 330 50.98 -8.68 -9.70
CA GLN A 330 51.77 -7.53 -10.14
C GLN A 330 51.91 -7.57 -11.65
N ARG A 331 52.06 -8.79 -12.18
CA ARG A 331 52.20 -9.00 -13.61
C ARG A 331 50.87 -8.79 -14.33
N ALA A 332 49.82 -9.42 -13.83
CA ALA A 332 48.48 -9.30 -14.42
C ALA A 332 47.93 -7.88 -14.33
N VAL A 333 48.18 -7.22 -13.20
CA VAL A 333 47.75 -5.83 -13.03
C VAL A 333 48.52 -4.90 -13.97
N GLU A 334 49.82 -5.16 -14.12
CA GLU A 334 50.65 -4.40 -15.03
C GLU A 334 50.19 -4.58 -16.47
N GLN A 335 49.70 -5.77 -16.79
CA GLN A 335 49.20 -6.05 -18.13
C GLN A 335 47.98 -5.19 -18.44
N VAL A 336 47.27 -4.81 -17.39
CA VAL A 336 46.08 -3.97 -17.50
C VAL A 336 46.44 -2.50 -17.68
N LYS A 337 47.39 -2.04 -16.88
CA LYS A 337 47.86 -0.65 -16.98
C LYS A 337 48.53 -0.38 -18.32
N ASN A 338 49.49 -1.24 -18.70
CA ASN A 338 50.25 -1.05 -19.92
C ASN A 338 49.39 -1.07 -21.19
N LYS A 339 48.35 -1.90 -21.18
CA LYS A 339 47.45 -1.99 -22.33
C LYS A 339 46.41 -0.88 -22.33
N LYS A 340 46.51 0.01 -21.35
CA LYS A 340 45.65 1.19 -21.24
C LYS A 340 44.15 0.88 -21.35
N THR A 341 43.68 -0.03 -20.50
CA THR A 341 42.29 -0.44 -20.52
C THR A 341 41.34 0.68 -20.07
N VAL A 342 41.25 0.89 -18.77
CA VAL A 342 40.38 1.93 -18.22
C VAL A 342 41.04 3.30 -18.38
N GLN A 343 40.25 4.35 -18.18
CA GLN A 343 40.73 5.71 -18.32
C GLN A 343 40.73 6.43 -16.97
N LEU A 344 41.87 6.37 -16.27
CA LEU A 344 42.00 7.02 -14.96
C LEU A 344 41.80 8.53 -15.06
N VAL A 345 41.28 9.12 -13.98
CA VAL A 345 41.04 10.57 -13.91
C VAL A 345 42.35 11.31 -13.68
N ASP A 346 42.50 12.48 -14.29
CA ASP A 346 43.76 13.23 -14.26
C ASP A 346 44.16 13.69 -12.86
N TRP A 347 43.19 14.02 -12.01
CA TRP A 347 43.50 14.61 -10.71
C TRP A 347 43.82 13.62 -9.59
N CYS A 348 43.72 12.33 -9.87
CA CYS A 348 44.03 11.31 -8.86
C CYS A 348 45.50 10.90 -8.91
N PRO A 349 46.25 11.21 -7.84
CA PRO A 349 47.70 10.93 -7.78
C PRO A 349 48.03 9.45 -7.87
N THR A 350 47.44 8.65 -6.97
CA THR A 350 47.66 7.22 -6.97
C THR A 350 46.63 6.54 -7.88
N GLY A 351 46.83 5.26 -8.16
CA GLY A 351 45.93 4.52 -9.03
C GLY A 351 45.38 3.26 -8.40
N PHE A 352 45.64 2.13 -9.06
CA PHE A 352 45.13 0.84 -8.62
C PHE A 352 45.75 0.39 -7.30
N LYS A 353 44.90 0.07 -6.33
CA LYS A 353 45.35 -0.48 -5.05
C LYS A 353 45.04 -1.97 -5.00
N ILE A 354 45.98 -2.74 -4.49
CA ILE A 354 45.88 -4.20 -4.51
C ILE A 354 45.83 -4.78 -3.09
N GLY A 355 44.96 -5.77 -2.90
CA GLY A 355 44.85 -6.47 -1.63
C GLY A 355 44.80 -7.97 -1.84
N ILE A 356 45.37 -8.72 -0.90
CA ILE A 356 45.41 -10.17 -1.00
C ILE A 356 44.89 -10.84 0.28
N CYS A 357 43.98 -11.79 0.12
CA CYS A 357 43.45 -12.57 1.23
C CYS A 357 43.59 -14.05 0.91
N TYR A 358 44.53 -14.73 1.56
CA TYR A 358 44.88 -16.09 1.17
C TYR A 358 43.84 -17.14 1.57
N GLU A 359 42.80 -16.72 2.30
CA GLU A 359 41.72 -17.63 2.66
C GLU A 359 40.85 -17.91 1.45
N PRO A 360 40.86 -19.17 0.97
CA PRO A 360 40.19 -19.56 -0.26
C PRO A 360 38.68 -19.34 -0.22
N PRO A 361 38.12 -18.73 -1.28
CA PRO A 361 36.68 -18.50 -1.39
C PRO A 361 35.92 -19.82 -1.45
N THR A 362 34.69 -19.82 -0.96
CA THR A 362 33.90 -21.04 -0.86
C THR A 362 32.46 -20.79 -1.31
N ALA A 363 31.87 -21.77 -1.97
CA ALA A 363 30.46 -21.73 -2.33
C ALA A 363 29.71 -22.81 -1.55
N THR A 364 28.49 -22.50 -1.13
CA THR A 364 27.67 -23.44 -0.37
C THR A 364 27.38 -24.69 -1.18
N PRO A 365 27.34 -25.87 -0.52
CA PRO A 365 27.10 -27.14 -1.22
C PRO A 365 25.74 -27.20 -1.91
N ASN A 366 24.78 -26.42 -1.41
CA ASN A 366 23.43 -26.41 -1.99
C ASN A 366 23.24 -25.26 -2.98
N SER A 367 24.34 -24.79 -3.56
CA SER A 367 24.28 -23.68 -4.51
C SER A 367 24.61 -24.14 -5.93
N GLN A 368 24.44 -23.24 -6.88
CA GLN A 368 24.67 -23.54 -8.29
C GLN A 368 26.06 -23.08 -8.73
N LEU A 369 26.84 -22.60 -7.77
CA LEU A 369 28.19 -22.10 -8.06
C LEU A 369 29.26 -23.12 -7.67
N ALA A 370 30.36 -23.12 -8.42
CA ALA A 370 31.46 -24.04 -8.15
C ALA A 370 32.53 -23.39 -7.29
N THR A 371 33.33 -24.22 -6.63
CA THR A 371 34.42 -23.73 -5.80
C THR A 371 35.68 -23.47 -6.61
N VAL A 372 36.23 -22.27 -6.49
CA VAL A 372 37.43 -21.89 -7.23
C VAL A 372 38.61 -21.75 -6.28
N ASP A 373 39.80 -22.14 -6.74
CA ASP A 373 41.01 -22.04 -5.93
C ASP A 373 41.44 -20.59 -5.75
N ARG A 374 41.09 -19.74 -6.70
CA ARG A 374 41.46 -18.33 -6.64
C ARG A 374 40.45 -17.44 -7.37
N ALA A 375 40.07 -16.34 -6.74
CA ALA A 375 39.07 -15.44 -7.31
C ALA A 375 39.41 -13.98 -6.98
N VAL A 376 38.88 -13.06 -7.78
CA VAL A 376 39.16 -11.64 -7.61
C VAL A 376 37.87 -10.82 -7.53
N CYS A 377 37.94 -9.69 -6.83
CA CYS A 377 36.83 -8.77 -6.73
C CYS A 377 37.32 -7.34 -6.92
N MET A 378 36.81 -6.65 -7.94
CA MET A 378 37.23 -5.30 -8.23
C MET A 378 36.18 -4.26 -7.82
N LEU A 379 36.58 -3.34 -6.95
CA LEU A 379 35.70 -2.26 -6.52
C LEU A 379 36.18 -0.96 -7.13
N SER A 380 35.51 -0.50 -8.17
CA SER A 380 35.94 0.68 -8.90
C SER A 380 34.88 1.78 -8.89
N ASN A 381 35.30 2.97 -8.50
CA ASN A 381 34.41 4.13 -8.50
C ASN A 381 34.47 4.85 -9.83
N THR A 382 33.66 4.39 -10.78
CA THR A 382 33.64 4.96 -12.12
C THR A 382 32.40 5.81 -12.36
N THR A 383 32.50 6.77 -13.26
CA THR A 383 31.40 7.68 -13.54
C THR A 383 30.38 7.06 -14.49
N SER A 384 30.60 5.81 -14.86
CA SER A 384 29.68 5.09 -15.74
C SER A 384 28.47 4.60 -14.96
N ILE A 385 28.56 4.65 -13.64
CA ILE A 385 27.46 4.21 -12.78
C ILE A 385 26.34 5.24 -12.76
N ALA A 386 26.62 6.44 -13.27
CA ALA A 386 25.62 7.50 -13.32
C ALA A 386 24.48 7.12 -14.26
N GLU A 387 24.78 6.20 -15.17
CA GLU A 387 23.81 5.74 -16.16
C GLU A 387 22.69 4.95 -15.50
N ALA A 388 23.00 4.30 -14.39
CA ALA A 388 22.00 3.55 -13.63
C ALA A 388 20.95 4.49 -13.04
N TRP A 389 21.40 5.63 -12.53
CA TRP A 389 20.49 6.65 -12.03
C TRP A 389 19.75 7.28 -13.19
N LYS A 390 20.47 7.55 -14.27
CA LYS A 390 19.92 8.14 -15.47
C LYS A 390 18.73 7.33 -15.96
N ARG A 391 18.89 6.01 -15.89
CA ARG A 391 17.87 5.06 -16.34
C ARG A 391 16.62 5.12 -15.47
N ILE A 392 16.82 5.10 -14.16
CA ILE A 392 15.72 5.08 -13.21
C ILE A 392 14.99 6.41 -13.18
N ASP A 393 15.68 7.47 -13.59
CA ASP A 393 15.10 8.81 -13.56
C ASP A 393 14.11 9.03 -14.70
N ARG A 394 14.29 8.31 -15.79
CA ARG A 394 13.35 8.37 -16.91
C ARG A 394 12.03 7.72 -16.48
N LYS A 395 12.14 6.51 -15.94
CA LYS A 395 11.00 5.77 -15.40
C LYS A 395 10.22 6.63 -14.42
N PHE A 396 10.95 7.28 -13.51
CA PHE A 396 10.35 8.19 -12.53
C PHE A 396 9.67 9.36 -13.23
N ASP A 397 10.40 10.02 -14.12
CA ASP A 397 9.90 11.22 -14.80
C ASP A 397 8.64 10.96 -15.62
N LEU A 398 8.58 9.81 -16.27
CA LEU A 398 7.44 9.43 -17.11
C LEU A 398 6.14 9.41 -16.31
N MET A 399 6.16 8.73 -15.17
CA MET A 399 4.97 8.61 -14.34
C MET A 399 4.62 9.95 -13.67
N TYR A 400 5.62 10.59 -13.07
CA TYR A 400 5.38 11.80 -12.28
C TYR A 400 4.82 12.96 -13.12
N ALA A 401 5.07 12.93 -14.42
CA ALA A 401 4.53 13.96 -15.31
C ALA A 401 3.01 13.95 -15.32
N LYS A 402 2.41 12.83 -14.93
CA LYS A 402 0.97 12.73 -14.85
C LYS A 402 0.54 12.49 -13.40
N ARG A 403 1.50 12.58 -12.49
CA ARG A 403 1.27 12.32 -11.06
C ARG A 403 0.70 10.94 -10.82
N ALA A 404 1.08 9.99 -11.67
CA ALA A 404 0.58 8.62 -11.57
C ALA A 404 1.00 7.98 -10.25
N PHE A 405 0.06 7.32 -9.59
CA PHE A 405 0.31 6.58 -8.35
C PHE A 405 0.75 7.45 -7.16
N VAL A 406 0.81 8.77 -7.37
CA VAL A 406 1.27 9.69 -6.33
C VAL A 406 0.34 9.70 -5.12
N HIS A 407 -0.96 9.56 -5.37
CA HIS A 407 -1.98 9.59 -4.31
C HIS A 407 -1.74 8.52 -3.25
N TRP A 408 -1.09 7.43 -3.63
CA TRP A 408 -0.76 6.36 -2.71
C TRP A 408 0.25 6.82 -1.67
N TYR A 409 1.08 7.80 -2.05
CA TYR A 409 2.11 8.31 -1.17
C TYR A 409 1.60 9.46 -0.30
N VAL A 410 0.85 10.36 -0.90
CA VAL A 410 0.28 11.49 -0.17
C VAL A 410 -0.79 10.99 0.81
N GLY A 411 -1.32 9.81 0.52
CA GLY A 411 -2.29 9.18 1.40
C GLY A 411 -1.62 8.47 2.57
N GLU A 412 -0.31 8.31 2.48
CA GLU A 412 0.45 7.66 3.55
C GLU A 412 1.49 8.59 4.19
N GLY A 413 1.09 9.85 4.41
CA GLY A 413 1.88 10.77 5.21
C GLY A 413 2.98 11.55 4.51
N MET A 414 3.05 11.43 3.18
CA MET A 414 4.08 12.14 2.43
C MET A 414 3.54 13.38 1.74
N GLU A 415 4.36 14.42 1.67
CA GLU A 415 4.03 15.60 0.90
C GLU A 415 4.37 15.37 -0.57
N GLU A 416 3.56 15.92 -1.46
CA GLU A 416 3.80 15.80 -2.90
C GLU A 416 5.11 16.49 -3.29
N GLY A 417 5.51 17.48 -2.49
CA GLY A 417 6.73 18.23 -2.75
C GLY A 417 7.99 17.46 -2.44
N GLU A 418 7.85 16.35 -1.71
CA GLU A 418 8.99 15.51 -1.36
C GLU A 418 9.48 14.73 -2.58
N PHE A 419 8.56 14.46 -3.50
CA PHE A 419 8.92 13.88 -4.79
C PHE A 419 9.82 14.86 -5.54
N THR A 420 9.48 16.14 -5.46
CA THR A 420 10.25 17.19 -6.12
C THR A 420 11.67 17.27 -5.58
N GLU A 421 11.78 17.32 -4.25
CA GLU A 421 13.09 17.42 -3.61
C GLU A 421 13.95 16.18 -3.88
N ALA A 422 13.31 15.02 -3.90
CA ALA A 422 14.00 13.76 -4.15
C ALA A 422 14.44 13.65 -5.60
N ARG A 423 13.79 14.44 -6.47
CA ARG A 423 14.12 14.42 -7.89
C ARG A 423 15.25 15.39 -8.21
N GLU A 424 15.20 16.57 -7.60
CA GLU A 424 16.25 17.57 -7.77
C GLU A 424 17.57 17.05 -7.23
N ASP A 425 17.49 16.37 -6.08
CA ASP A 425 18.68 15.85 -5.42
C ASP A 425 19.36 14.80 -6.29
N LEU A 426 18.56 13.95 -6.92
CA LEU A 426 19.09 12.95 -7.84
C LEU A 426 19.53 13.60 -9.15
N ALA A 427 18.85 14.68 -9.53
CA ALA A 427 19.24 15.45 -10.70
C ALA A 427 20.61 16.10 -10.45
N ALA A 428 20.79 16.63 -9.25
CA ALA A 428 22.06 17.21 -8.85
C ALA A 428 23.12 16.13 -8.80
N LEU A 429 22.73 14.95 -8.31
CA LEU A 429 23.65 13.81 -8.23
C LEU A 429 24.15 13.39 -9.62
N GLU A 430 23.25 13.41 -10.60
CA GLU A 430 23.63 13.08 -11.98
C GLU A 430 24.69 14.05 -12.47
N ARG A 431 24.45 15.34 -12.25
CA ARG A 431 25.39 16.38 -12.66
C ARG A 431 26.71 16.25 -11.92
N ASP A 432 26.65 15.84 -10.66
CA ASP A 432 27.84 15.66 -9.83
C ASP A 432 28.77 14.61 -10.44
N TYR A 433 28.21 13.58 -11.03
CA TYR A 433 29.01 12.48 -11.59
C TYR A 433 29.63 12.82 -12.94
N ILE A 434 29.08 13.82 -13.62
CA ILE A 434 29.65 14.25 -14.90
C ILE A 434 30.65 15.39 -14.70
N GLU A 435 30.42 16.19 -13.66
CA GLU A 435 31.25 17.36 -13.41
C GLU A 435 32.53 16.96 -12.67
N VAL A 436 32.48 15.78 -12.04
CA VAL A 436 33.62 15.29 -11.28
C VAL A 436 34.59 14.54 -12.20
N GLY A 437 34.23 14.41 -13.47
CA GLY A 437 35.05 13.71 -14.42
C GLY A 437 35.86 14.65 -15.30
N ALA A 438 35.63 15.95 -15.14
CA ALA A 438 36.32 16.97 -15.94
C ALA A 438 37.74 17.21 -15.45
N ASP A 439 38.13 18.48 -15.39
CA ASP A 439 39.48 18.90 -14.99
C ASP A 439 40.54 18.45 -16.00
N MET B 1 -1.56 -13.09 9.41
CA MET B 1 -1.94 -13.97 8.30
C MET B 1 -2.91 -13.30 7.33
N ARG B 2 -3.09 -11.99 7.51
CA ARG B 2 -3.88 -11.14 6.62
C ARG B 2 -5.21 -11.75 6.14
N GLU B 3 -6.19 -11.79 7.03
CA GLU B 3 -7.48 -12.40 6.72
C GLU B 3 -8.39 -11.46 5.92
N ILE B 4 -9.36 -12.06 5.24
CA ILE B 4 -10.31 -11.31 4.40
C ILE B 4 -11.74 -11.67 4.76
N ILE B 5 -12.59 -10.65 4.87
CA ILE B 5 -14.00 -10.87 5.17
C ILE B 5 -14.88 -10.63 3.96
N HIS B 6 -15.61 -11.66 3.55
CA HIS B 6 -16.46 -11.58 2.38
C HIS B 6 -17.91 -11.23 2.76
N ILE B 7 -18.49 -10.30 2.00
CA ILE B 7 -19.89 -9.93 2.22
C ILE B 7 -20.69 -10.05 0.93
N SER B 8 -21.65 -10.98 0.92
CA SER B 8 -22.57 -11.11 -0.20
C SER B 8 -23.81 -10.27 0.05
N THR B 9 -24.29 -9.58 -0.98
CA THR B 9 -25.42 -8.66 -0.84
C THR B 9 -26.44 -8.80 -1.96
N GLY B 10 -27.67 -9.14 -1.59
CA GLY B 10 -28.74 -9.26 -2.56
C GLY B 10 -28.80 -10.62 -3.20
N GLN B 11 -29.72 -10.81 -4.15
CA GLN B 11 -29.87 -12.09 -4.82
C GLN B 11 -28.62 -12.46 -5.61
N CYS B 12 -28.23 -11.57 -6.50
CA CYS B 12 -27.03 -11.75 -7.31
C CYS B 12 -25.79 -11.93 -6.44
N GLY B 13 -25.68 -11.11 -5.40
CA GLY B 13 -24.52 -11.14 -4.52
C GLY B 13 -24.39 -12.45 -3.77
N ASN B 14 -25.50 -12.95 -3.25
CA ASN B 14 -25.52 -14.19 -2.49
C ASN B 14 -25.39 -15.42 -3.37
N GLN B 15 -25.88 -15.31 -4.61
CA GLN B 15 -25.78 -16.42 -5.56
C GLN B 15 -24.38 -16.53 -6.13
N ILE B 16 -23.78 -15.38 -6.44
CA ILE B 16 -22.42 -15.34 -6.96
C ILE B 16 -21.42 -15.75 -5.89
N GLY B 17 -21.56 -15.16 -4.71
CA GLY B 17 -20.72 -15.51 -3.58
C GLY B 17 -20.76 -17.01 -3.30
N ALA B 18 -21.95 -17.60 -3.47
CA ALA B 18 -22.13 -19.03 -3.26
C ALA B 18 -21.25 -19.85 -4.21
N ALA B 19 -21.30 -19.49 -5.48
CA ALA B 19 -20.51 -20.15 -6.51
C ALA B 19 -19.01 -19.97 -6.26
N PHE B 20 -18.65 -18.81 -5.73
CA PHE B 20 -17.26 -18.51 -5.40
C PHE B 20 -16.75 -19.43 -4.29
N TRP B 21 -17.56 -19.59 -3.24
CA TRP B 21 -17.20 -20.44 -2.12
C TRP B 21 -17.21 -21.91 -2.50
N GLU B 22 -18.14 -22.28 -3.39
CA GLU B 22 -18.24 -23.66 -3.84
C GLU B 22 -17.03 -24.05 -4.69
N THR B 23 -16.47 -23.06 -5.37
CA THR B 23 -15.31 -23.28 -6.24
C THR B 23 -14.01 -23.39 -5.44
N ILE B 24 -13.68 -22.35 -4.68
CA ILE B 24 -12.40 -22.29 -3.97
C ILE B 24 -12.29 -23.33 -2.85
N CYS B 25 -13.38 -24.03 -2.57
CA CYS B 25 -13.35 -25.13 -1.62
C CYS B 25 -12.50 -26.27 -2.15
N GLY B 26 -12.86 -26.76 -3.34
CA GLY B 26 -12.16 -27.85 -3.97
C GLY B 26 -10.70 -27.54 -4.24
N GLU B 27 -10.43 -26.30 -4.66
CA GLU B 27 -9.07 -25.86 -4.94
C GLU B 27 -8.21 -25.92 -3.68
N HIS B 28 -8.82 -25.61 -2.55
CA HIS B 28 -8.16 -25.70 -1.25
C HIS B 28 -8.29 -27.11 -0.68
N GLY B 29 -9.10 -27.94 -1.35
CA GLY B 29 -9.28 -29.32 -0.95
C GLY B 29 -10.11 -29.47 0.31
N LEU B 30 -11.38 -29.10 0.24
CA LEU B 30 -12.29 -29.19 1.37
C LEU B 30 -13.58 -29.90 0.99
N ASP B 31 -14.21 -30.53 1.97
CA ASP B 31 -15.55 -31.10 1.79
C ASP B 31 -16.54 -29.95 1.86
N PHE B 32 -17.81 -30.23 1.55
CA PHE B 32 -18.83 -29.18 1.61
C PHE B 32 -19.26 -28.85 3.04
N ASN B 33 -18.55 -29.40 4.01
CA ASN B 33 -18.71 -29.01 5.40
C ASN B 33 -17.37 -28.57 5.99
N GLY B 34 -16.36 -28.52 5.13
CA GLY B 34 -15.04 -28.04 5.49
C GLY B 34 -14.11 -29.07 6.11
N THR B 35 -13.54 -29.93 5.27
CA THR B 35 -12.55 -30.91 5.75
C THR B 35 -11.53 -31.28 4.67
N HIS B 39 -4.04 -32.17 0.26
CA HIS B 39 -3.25 -33.14 -0.49
C HIS B 39 -1.92 -32.56 -0.95
N ASP B 40 -1.98 -31.59 -1.86
CA ASP B 40 -0.77 -30.99 -2.42
C ASP B 40 -0.07 -30.05 -1.43
N ASP B 41 -0.68 -29.86 -0.27
CA ASP B 41 -0.15 -29.02 0.81
C ASP B 41 -0.15 -27.51 0.52
N ILE B 42 -0.09 -27.13 -0.74
CA ILE B 42 -0.22 -25.72 -1.12
C ILE B 42 -1.66 -25.29 -0.92
N GLN B 43 -2.56 -26.26 -0.95
CA GLN B 43 -3.99 -26.02 -0.77
C GLN B 43 -4.32 -25.66 0.68
N LYS B 44 -3.36 -25.91 1.58
CA LYS B 44 -3.60 -25.75 3.01
C LYS B 44 -2.93 -24.51 3.59
N GLU B 45 -1.96 -23.95 2.86
CA GLU B 45 -1.16 -22.83 3.34
C GLU B 45 -1.98 -21.57 3.67
N ARG B 46 -2.40 -20.86 2.63
CA ARG B 46 -3.16 -19.63 2.82
C ARG B 46 -4.65 -19.92 3.02
N LEU B 47 -4.94 -21.05 3.65
CA LEU B 47 -6.30 -21.51 3.82
C LEU B 47 -7.08 -20.62 4.80
N ASN B 48 -6.36 -19.91 5.66
CA ASN B 48 -7.01 -19.06 6.66
C ASN B 48 -7.26 -17.64 6.16
N VAL B 49 -7.06 -17.41 4.88
CA VAL B 49 -7.33 -16.11 4.27
C VAL B 49 -8.83 -15.93 4.07
N TYR B 50 -9.47 -16.94 3.48
CA TYR B 50 -10.91 -16.90 3.23
C TYR B 50 -11.71 -17.78 4.19
N PHE B 51 -11.02 -18.73 4.82
CA PHE B 51 -11.69 -19.66 5.73
C PHE B 51 -11.20 -19.48 7.16
N ASN B 52 -12.14 -19.44 8.11
CA ASN B 52 -11.78 -19.34 9.51
C ASN B 52 -11.68 -20.71 10.17
N GLU B 53 -10.57 -20.95 10.86
CA GLU B 53 -10.33 -22.25 11.49
C GLU B 53 -11.18 -22.43 12.74
N ALA B 54 -12.22 -23.25 12.64
CA ALA B 54 -13.02 -23.63 13.80
C ALA B 54 -12.28 -24.72 14.57
N SER B 55 -12.25 -24.58 15.90
CA SER B 55 -11.57 -25.54 16.75
C SER B 55 -12.10 -26.96 16.57
N SER B 56 -11.74 -27.57 15.45
CA SER B 56 -12.20 -28.90 15.10
C SER B 56 -11.41 -29.45 13.92
N GLY B 57 -10.49 -28.63 13.41
CA GLY B 57 -9.74 -28.97 12.22
C GLY B 57 -10.59 -28.76 10.98
N LYS B 58 -11.78 -28.21 11.19
CA LYS B 58 -12.74 -27.99 10.11
C LYS B 58 -12.93 -26.50 9.89
N TRP B 59 -13.01 -26.10 8.61
CA TRP B 59 -13.01 -24.69 8.25
C TRP B 59 -14.38 -24.16 7.86
N VAL B 60 -14.73 -23.00 8.41
CA VAL B 60 -15.94 -22.30 8.02
C VAL B 60 -15.59 -20.93 7.44
N PRO B 61 -16.03 -20.68 6.19
CA PRO B 61 -15.73 -19.45 5.45
C PRO B 61 -15.98 -18.18 6.24
N ARG B 62 -15.03 -17.25 6.20
CA ARG B 62 -15.21 -15.94 6.81
C ARG B 62 -16.15 -15.12 5.94
N SER B 63 -17.37 -15.60 5.79
CA SER B 63 -18.33 -15.00 4.87
C SER B 63 -19.60 -14.55 5.59
N ILE B 64 -20.26 -13.56 5.02
CA ILE B 64 -21.53 -13.07 5.55
C ILE B 64 -22.55 -12.98 4.42
N ASN B 65 -23.74 -13.53 4.65
CA ASN B 65 -24.76 -13.60 3.61
C ASN B 65 -25.96 -12.71 3.90
N VAL B 66 -25.95 -11.50 3.35
CA VAL B 66 -27.01 -10.54 3.60
C VAL B 66 -27.90 -10.29 2.39
N ASP B 67 -29.20 -10.39 2.60
CA ASP B 67 -30.19 -9.96 1.61
C ASP B 67 -31.38 -9.35 2.36
N LEU B 68 -32.06 -8.39 1.74
CA LEU B 68 -33.13 -7.66 2.40
C LEU B 68 -34.48 -8.38 2.26
N GLU B 69 -34.44 -9.71 2.37
CA GLU B 69 -35.59 -10.59 2.14
C GLU B 69 -35.08 -12.02 2.16
N PRO B 70 -35.79 -12.92 2.86
CA PRO B 70 -35.29 -14.29 3.01
C PRO B 70 -35.23 -15.06 1.68
N GLY B 71 -35.86 -14.53 0.64
CA GLY B 71 -35.99 -15.19 -0.65
C GLY B 71 -34.86 -16.07 -1.14
N THR B 72 -33.76 -15.45 -1.57
CA THR B 72 -32.63 -16.18 -2.12
C THR B 72 -31.66 -16.66 -1.05
N ILE B 73 -31.64 -16.00 0.11
CA ILE B 73 -30.76 -16.40 1.20
C ILE B 73 -31.27 -17.70 1.79
N ASP B 74 -32.57 -17.94 1.61
CA ASP B 74 -33.17 -19.21 2.00
C ASP B 74 -32.67 -20.32 1.08
N ALA B 75 -32.47 -19.98 -0.19
CA ALA B 75 -32.08 -20.94 -1.22
C ALA B 75 -30.73 -21.59 -0.93
N VAL B 76 -29.71 -20.76 -0.69
CA VAL B 76 -28.37 -21.24 -0.37
C VAL B 76 -28.35 -21.96 0.98
N ARG B 77 -29.28 -21.57 1.84
CA ARG B 77 -29.32 -22.06 3.22
C ARG B 77 -29.45 -23.58 3.28
N ASN B 78 -30.24 -24.15 2.38
CA ASN B 78 -30.43 -25.59 2.33
C ASN B 78 -29.83 -26.26 1.10
N SER B 79 -28.91 -25.57 0.44
CA SER B 79 -28.16 -26.15 -0.67
C SER B 79 -26.91 -26.84 -0.14
N ALA B 80 -26.13 -27.44 -1.05
CA ALA B 80 -24.98 -28.25 -0.68
C ALA B 80 -23.99 -27.52 0.24
N ILE B 81 -23.57 -26.33 -0.18
CA ILE B 81 -22.59 -25.57 0.60
C ILE B 81 -23.25 -24.79 1.72
N GLY B 82 -24.56 -24.94 1.88
CA GLY B 82 -25.27 -24.30 2.97
C GLY B 82 -24.79 -24.79 4.31
N ASN B 83 -24.14 -25.94 4.31
CA ASN B 83 -23.59 -26.54 5.52
C ASN B 83 -22.46 -25.72 6.13
N LEU B 84 -21.33 -25.65 5.43
CA LEU B 84 -20.12 -25.03 5.98
C LEU B 84 -20.25 -23.53 6.28
N PHE B 85 -21.39 -22.95 5.97
CA PHE B 85 -21.63 -21.56 6.31
C PHE B 85 -22.09 -21.41 7.75
N ARG B 86 -21.46 -20.49 8.48
CA ARG B 86 -21.82 -20.20 9.86
C ARG B 86 -23.27 -19.73 9.94
N PRO B 87 -24.11 -20.47 10.68
CA PRO B 87 -25.56 -20.25 10.78
C PRO B 87 -25.93 -18.82 11.19
N ASP B 88 -25.07 -18.16 11.95
CA ASP B 88 -25.33 -16.81 12.43
C ASP B 88 -24.74 -15.74 11.53
N ASN B 89 -24.27 -16.14 10.35
CA ASN B 89 -23.79 -15.17 9.36
C ASN B 89 -24.85 -14.83 8.34
N TYR B 90 -26.04 -15.41 8.51
CA TYR B 90 -27.16 -15.13 7.62
C TYR B 90 -27.99 -13.97 8.17
N ILE B 91 -28.15 -12.92 7.36
CA ILE B 91 -28.94 -11.77 7.77
C ILE B 91 -29.99 -11.44 6.71
N PHE B 92 -31.23 -11.25 7.15
CA PHE B 92 -32.33 -11.02 6.22
C PHE B 92 -33.54 -10.34 6.86
N GLY B 93 -34.12 -9.38 6.13
CA GLY B 93 -35.32 -8.68 6.58
C GLY B 93 -36.57 -9.35 6.05
N GLN B 94 -37.74 -8.82 6.41
CA GLN B 94 -39.01 -9.43 6.04
C GLN B 94 -39.38 -9.21 4.58
N SER B 95 -39.28 -7.97 4.12
CA SER B 95 -39.70 -7.61 2.77
C SER B 95 -38.56 -7.03 1.94
N SER B 96 -38.51 -7.39 0.66
CA SER B 96 -37.50 -6.91 -0.28
C SER B 96 -37.51 -5.39 -0.47
N ALA B 97 -36.69 -4.92 -1.41
CA ALA B 97 -36.59 -3.50 -1.69
C ALA B 97 -37.10 -3.15 -3.09
N GLY B 98 -37.89 -4.04 -3.67
CA GLY B 98 -38.59 -3.78 -4.93
C GLY B 98 -37.81 -3.10 -6.04
N ASN B 99 -36.51 -3.40 -6.10
CA ASN B 99 -35.61 -2.80 -7.10
C ASN B 99 -35.57 -1.26 -7.08
N VAL B 100 -35.53 -0.68 -5.89
CA VAL B 100 -35.28 0.76 -5.75
C VAL B 100 -34.11 1.06 -4.80
N TRP B 101 -33.10 1.73 -5.34
CA TRP B 101 -31.86 2.03 -4.63
C TRP B 101 -32.09 2.78 -3.31
N ALA B 102 -33.16 3.58 -3.27
CA ALA B 102 -33.46 4.43 -2.12
C ALA B 102 -33.81 3.65 -0.86
N LYS B 103 -34.62 2.60 -1.00
CA LYS B 103 -35.01 1.79 0.14
C LYS B 103 -33.82 1.10 0.80
N GLY B 104 -32.98 0.49 -0.02
CA GLY B 104 -31.83 -0.24 0.49
C GLY B 104 -30.80 0.68 1.12
N HIS B 105 -30.82 1.95 0.72
CA HIS B 105 -29.77 2.87 1.15
C HIS B 105 -30.21 3.84 2.25
N TYR B 106 -31.52 4.02 2.40
CA TYR B 106 -32.03 4.96 3.41
C TYR B 106 -33.05 4.34 4.36
N THR B 107 -34.04 3.64 3.81
CA THR B 107 -35.15 3.14 4.60
C THR B 107 -34.88 1.75 5.19
N GLU B 108 -35.36 0.72 4.50
CA GLU B 108 -35.34 -0.64 5.02
C GLU B 108 -33.93 -1.25 5.07
N GLY B 109 -33.07 -0.82 4.16
CA GLY B 109 -31.71 -1.32 4.12
C GLY B 109 -30.87 -0.83 5.28
N ALA B 110 -31.03 0.43 5.63
CA ALA B 110 -30.26 1.04 6.71
C ALA B 110 -30.59 0.44 8.07
N GLU B 111 -31.81 -0.07 8.21
CA GLU B 111 -32.26 -0.66 9.46
C GLU B 111 -31.65 -2.05 9.67
N LEU B 112 -31.16 -2.65 8.58
CA LEU B 112 -30.57 -3.98 8.67
C LEU B 112 -29.06 -3.92 8.81
N VAL B 113 -28.48 -2.80 8.37
CA VAL B 113 -27.03 -2.61 8.34
C VAL B 113 -26.36 -2.85 9.70
N ASP B 114 -26.94 -2.25 10.75
CA ASP B 114 -26.40 -2.38 12.11
C ASP B 114 -26.37 -3.82 12.60
N SER B 115 -27.31 -4.64 12.13
CA SER B 115 -27.39 -6.04 12.55
C SER B 115 -26.29 -6.89 11.90
N VAL B 116 -25.93 -6.56 10.67
CA VAL B 116 -24.85 -7.28 9.99
C VAL B 116 -23.48 -6.82 10.46
N MET B 117 -23.41 -5.59 10.97
CA MET B 117 -22.16 -5.01 11.42
C MET B 117 -21.64 -5.76 12.64
N ASP B 118 -22.56 -6.20 13.49
CA ASP B 118 -22.22 -6.99 14.67
C ASP B 118 -21.51 -8.28 14.28
N VAL B 119 -21.96 -8.88 13.18
CA VAL B 119 -21.37 -10.12 12.69
C VAL B 119 -19.93 -9.92 12.24
N ILE B 120 -19.71 -8.92 11.39
CA ILE B 120 -18.37 -8.65 10.89
C ILE B 120 -17.46 -8.09 11.98
N ARG B 121 -18.07 -7.42 12.97
CA ARG B 121 -17.29 -6.89 14.08
C ARG B 121 -16.87 -8.03 14.99
N ARG B 122 -17.69 -9.06 15.04
CA ARG B 122 -17.36 -10.28 15.77
C ARG B 122 -16.36 -11.10 14.96
N GLU B 123 -16.52 -11.07 13.64
CA GLU B 123 -15.65 -11.79 12.72
C GLU B 123 -14.22 -11.22 12.77
N ALA B 124 -14.13 -9.90 12.75
CA ALA B 124 -12.84 -9.22 12.80
C ALA B 124 -12.13 -9.52 14.13
N GLU B 125 -12.91 -9.81 15.16
CA GLU B 125 -12.37 -10.20 16.46
C GLU B 125 -11.89 -11.64 16.46
N GLY B 126 -11.62 -12.17 15.27
CA GLY B 126 -11.11 -13.53 15.12
C GLY B 126 -10.07 -13.58 14.02
N CYS B 127 -9.46 -12.43 13.74
CA CYS B 127 -8.47 -12.32 12.69
C CYS B 127 -7.14 -11.79 13.22
N ASP B 128 -6.07 -12.53 12.97
CA ASP B 128 -4.73 -12.16 13.41
C ASP B 128 -4.43 -10.72 13.02
N SER B 129 -4.66 -10.41 11.75
CA SER B 129 -4.48 -9.07 11.20
C SER B 129 -5.24 -8.91 9.89
N LEU B 130 -6.55 -8.75 9.99
CA LEU B 130 -7.42 -8.58 8.82
C LEU B 130 -6.91 -7.50 7.87
N GLN B 131 -7.02 -7.76 6.57
CA GLN B 131 -6.50 -6.83 5.57
C GLN B 131 -7.61 -6.05 4.86
N GLY B 132 -8.82 -6.58 4.88
CA GLY B 132 -9.94 -5.88 4.27
C GLY B 132 -11.14 -6.74 3.97
N PHE B 133 -12.03 -6.22 3.12
CA PHE B 133 -13.28 -6.87 2.80
C PHE B 133 -13.44 -7.02 1.29
N GLN B 134 -14.22 -8.01 0.87
CA GLN B 134 -14.65 -8.08 -0.52
C GLN B 134 -16.17 -8.24 -0.55
N ILE B 135 -16.80 -7.56 -1.50
CA ILE B 135 -18.27 -7.53 -1.55
C ILE B 135 -18.83 -7.96 -2.90
N THR B 136 -19.63 -9.02 -2.88
CA THR B 136 -20.36 -9.46 -4.07
C THR B 136 -21.77 -8.91 -4.03
N HIS B 137 -22.11 -8.11 -5.04
CA HIS B 137 -23.42 -7.48 -5.11
C HIS B 137 -23.78 -7.15 -6.54
N SER B 138 -24.97 -6.58 -6.74
CA SER B 138 -25.42 -6.17 -8.06
C SER B 138 -25.90 -4.73 -8.03
N LEU B 139 -25.39 -3.92 -8.96
CA LEU B 139 -25.74 -2.52 -9.03
C LEU B 139 -27.14 -2.34 -9.61
N GLY B 140 -27.67 -3.41 -10.20
CA GLY B 140 -28.94 -3.34 -10.90
C GLY B 140 -30.16 -3.24 -9.99
N GLY B 141 -30.12 -3.94 -8.86
CA GLY B 141 -31.27 -4.02 -7.98
C GLY B 141 -31.42 -2.90 -6.99
N GLY B 142 -31.99 -3.22 -5.82
CA GLY B 142 -32.20 -2.25 -4.78
C GLY B 142 -31.46 -2.57 -3.50
N THR B 143 -31.28 -3.87 -3.24
CA THR B 143 -30.58 -4.31 -2.04
C THR B 143 -29.08 -4.35 -2.27
N GLY B 144 -28.67 -4.97 -3.38
CA GLY B 144 -27.27 -5.10 -3.71
C GLY B 144 -26.60 -3.75 -3.90
N SER B 145 -27.22 -2.88 -4.68
CA SER B 145 -26.66 -1.56 -4.92
C SER B 145 -26.81 -0.63 -3.71
N GLY B 146 -28.06 -0.37 -3.32
CA GLY B 146 -28.36 0.55 -2.24
C GLY B 146 -27.77 0.20 -0.89
N MET B 147 -28.07 -1.00 -0.39
CA MET B 147 -27.60 -1.41 0.94
C MET B 147 -26.11 -1.73 0.93
N GLY B 148 -25.66 -2.31 -0.18
CA GLY B 148 -24.25 -2.65 -0.33
C GLY B 148 -23.35 -1.44 -0.22
N THR B 149 -23.70 -0.37 -0.92
CA THR B 149 -22.92 0.86 -0.90
C THR B 149 -22.99 1.54 0.47
N LEU B 150 -24.18 1.51 1.07
CA LEU B 150 -24.36 2.02 2.42
C LEU B 150 -23.52 1.21 3.40
N LEU B 151 -23.42 -0.09 3.11
CA LEU B 151 -22.61 -0.99 3.91
C LEU B 151 -21.13 -0.64 3.74
N ILE B 152 -20.75 -0.30 2.51
CA ILE B 152 -19.37 0.05 2.21
C ILE B 152 -18.94 1.30 2.98
N SER B 153 -19.77 2.33 2.90
CA SER B 153 -19.46 3.62 3.52
C SER B 153 -19.31 3.52 5.03
N LYS B 154 -20.15 2.70 5.64
CA LYS B 154 -20.13 2.53 7.09
C LYS B 154 -19.06 1.52 7.54
N ILE B 155 -18.66 0.63 6.63
CA ILE B 155 -17.57 -0.30 6.90
C ILE B 155 -16.25 0.46 6.95
N ARG B 156 -16.13 1.47 6.09
CA ARG B 156 -14.94 2.30 6.05
C ARG B 156 -14.91 3.31 7.20
N GLU B 157 -16.08 3.61 7.75
CA GLU B 157 -16.17 4.53 8.89
C GLU B 157 -15.67 3.83 10.16
N GLU B 158 -15.82 2.51 10.17
CA GLU B 158 -15.37 1.69 11.30
C GLU B 158 -13.96 1.15 11.06
N PHE B 159 -13.66 0.82 9.82
CA PHE B 159 -12.34 0.30 9.46
C PHE B 159 -11.69 1.15 8.36
N PRO B 160 -11.22 2.35 8.71
CA PRO B 160 -10.75 3.34 7.73
C PRO B 160 -9.47 2.94 7.01
N ASP B 161 -8.73 1.99 7.56
CA ASP B 161 -7.43 1.61 6.98
C ASP B 161 -7.43 0.17 6.47
N ARG B 162 -8.59 -0.29 5.99
CA ARG B 162 -8.68 -1.64 5.44
C ARG B 162 -9.06 -1.59 3.96
N MET B 163 -8.68 -2.63 3.22
CA MET B 163 -8.94 -2.68 1.79
C MET B 163 -10.38 -3.01 1.47
N MET B 164 -10.96 -2.28 0.51
CA MET B 164 -12.34 -2.48 0.11
C MET B 164 -12.43 -2.94 -1.34
N ALA B 165 -12.31 -4.24 -1.56
CA ALA B 165 -12.49 -4.81 -2.89
C ALA B 165 -13.98 -5.02 -3.16
N THR B 166 -14.36 -5.05 -4.43
CA THR B 166 -15.77 -5.18 -4.80
C THR B 166 -15.96 -5.86 -6.16
N PHE B 167 -16.88 -6.82 -6.21
CA PHE B 167 -17.24 -7.46 -7.46
C PHE B 167 -18.61 -7.01 -7.92
N SER B 168 -18.66 -5.87 -8.62
CA SER B 168 -19.92 -5.30 -9.06
C SER B 168 -20.43 -5.93 -10.35
N VAL B 169 -21.73 -6.24 -10.36
CA VAL B 169 -22.37 -6.78 -11.55
C VAL B 169 -23.22 -5.71 -12.22
N LEU B 170 -22.93 -5.46 -13.49
CA LEU B 170 -23.60 -4.38 -14.23
C LEU B 170 -24.82 -4.89 -14.99
N PRO B 171 -25.96 -4.19 -14.83
CA PRO B 171 -27.20 -4.51 -15.53
C PRO B 171 -27.12 -4.20 -17.03
N SER B 172 -28.02 -4.79 -17.81
CA SER B 172 -28.02 -4.62 -19.25
C SER B 172 -29.45 -4.43 -19.77
N PRO B 173 -29.60 -3.90 -20.99
CA PRO B 173 -30.94 -3.68 -21.54
C PRO B 173 -31.68 -4.96 -21.93
N LYS B 174 -32.18 -5.69 -20.93
CA LYS B 174 -33.03 -6.85 -21.16
C LYS B 174 -33.66 -7.36 -19.86
N THR B 178 -37.53 -2.93 -12.84
CA THR B 178 -36.58 -3.29 -13.89
C THR B 178 -36.14 -2.07 -14.70
N ARG B 179 -37.09 -1.26 -15.12
CA ARG B 179 -36.80 -0.08 -15.93
C ARG B 179 -36.05 1.02 -15.18
N VAL B 180 -35.55 0.68 -13.99
CA VAL B 180 -34.87 1.67 -13.15
C VAL B 180 -33.45 1.25 -12.81
N GLU B 181 -33.00 0.16 -13.42
CA GLU B 181 -31.62 -0.31 -13.25
C GLU B 181 -30.56 0.78 -13.46
N PRO B 182 -30.71 1.62 -14.50
CA PRO B 182 -29.73 2.72 -14.63
C PRO B 182 -29.68 3.65 -13.43
N TYR B 183 -30.83 3.90 -12.81
CA TYR B 183 -30.88 4.74 -11.61
C TYR B 183 -30.05 4.13 -10.49
N ASN B 184 -30.31 2.86 -10.20
CA ASN B 184 -29.63 2.15 -9.12
C ASN B 184 -28.14 1.97 -9.38
N ALA B 185 -27.79 1.73 -10.63
CA ALA B 185 -26.40 1.51 -11.01
C ALA B 185 -25.58 2.80 -10.96
N THR B 186 -26.19 3.90 -11.40
CA THR B 186 -25.53 5.20 -11.42
C THR B 186 -25.34 5.74 -10.00
N LEU B 187 -26.26 5.40 -9.11
CA LEU B 187 -26.17 5.83 -7.72
C LEU B 187 -25.07 5.07 -6.98
N SER B 188 -25.01 3.76 -7.22
CA SER B 188 -24.01 2.92 -6.58
C SER B 188 -22.61 3.26 -7.07
N VAL B 189 -22.48 3.47 -8.37
CA VAL B 189 -21.22 3.89 -8.97
C VAL B 189 -20.74 5.21 -8.34
N HIS B 190 -21.68 6.13 -8.15
CA HIS B 190 -21.38 7.40 -7.48
C HIS B 190 -20.80 7.18 -6.08
N GLN B 191 -21.24 6.11 -5.44
CA GLN B 191 -20.76 5.75 -4.11
C GLN B 191 -19.45 4.96 -4.20
N LEU B 192 -19.36 4.07 -5.18
CA LEU B 192 -18.19 3.21 -5.33
C LEU B 192 -16.94 4.01 -5.70
N VAL B 193 -17.13 5.09 -6.44
CA VAL B 193 -16.03 5.91 -6.90
C VAL B 193 -15.41 6.70 -5.73
N GLU B 194 -16.11 6.74 -4.61
CA GLU B 194 -15.65 7.49 -3.45
C GLU B 194 -15.19 6.59 -2.30
N HIS B 195 -15.59 5.33 -2.32
CA HIS B 195 -15.33 4.44 -1.18
C HIS B 195 -14.65 3.12 -1.53
N SER B 196 -14.79 2.67 -2.77
CA SER B 196 -14.22 1.38 -3.16
C SER B 196 -12.74 1.52 -3.52
N ASP B 197 -11.93 0.61 -2.98
CA ASP B 197 -10.51 0.56 -3.31
C ASP B 197 -10.32 -0.15 -4.64
N GLU B 198 -11.04 -1.26 -4.81
CA GLU B 198 -10.97 -2.05 -6.02
C GLU B 198 -12.36 -2.52 -6.40
N THR B 199 -12.73 -2.29 -7.65
CA THR B 199 -14.03 -2.73 -8.15
C THR B 199 -13.91 -3.48 -9.48
N PHE B 200 -14.05 -4.80 -9.42
CA PHE B 200 -14.05 -5.61 -10.62
C PHE B 200 -15.43 -5.54 -11.26
N CYS B 201 -15.51 -4.89 -12.42
CA CYS B 201 -16.78 -4.71 -13.10
C CYS B 201 -17.10 -5.88 -14.03
N ILE B 202 -18.26 -6.49 -13.82
CA ILE B 202 -18.70 -7.61 -14.63
C ILE B 202 -20.04 -7.31 -15.32
N ASP B 203 -20.01 -7.19 -16.65
CA ASP B 203 -21.18 -6.82 -17.42
C ASP B 203 -22.06 -8.02 -17.75
N ASN B 204 -23.32 -7.96 -17.32
CA ASN B 204 -24.28 -9.04 -17.57
C ASN B 204 -24.54 -9.30 -19.05
N GLU B 205 -24.39 -8.28 -19.88
CA GLU B 205 -24.56 -8.45 -21.32
C GLU B 205 -23.42 -9.27 -21.92
N ALA B 206 -22.19 -8.93 -21.57
CA ALA B 206 -21.03 -9.68 -22.02
C ALA B 206 -21.07 -11.10 -21.49
N LEU B 207 -21.42 -11.24 -20.21
CA LEU B 207 -21.55 -12.53 -19.57
C LEU B 207 -22.53 -13.42 -20.32
N TYR B 208 -23.67 -12.84 -20.68
CA TYR B 208 -24.73 -13.52 -21.39
C TYR B 208 -24.26 -13.94 -22.77
N ASP B 209 -23.56 -13.04 -23.46
CA ASP B 209 -23.08 -13.31 -24.80
C ASP B 209 -22.03 -14.40 -24.83
N ILE B 210 -21.26 -14.54 -23.77
CA ILE B 210 -20.27 -15.61 -23.72
C ILE B 210 -20.97 -16.97 -23.66
N CYS B 211 -21.93 -17.09 -22.76
CA CYS B 211 -22.69 -18.33 -22.60
C CYS B 211 -23.42 -18.72 -23.88
N GLN B 212 -23.94 -17.73 -24.59
CA GLN B 212 -24.74 -17.97 -25.79
C GLN B 212 -23.89 -18.18 -27.05
N ARG B 213 -22.88 -17.34 -27.24
CA ARG B 213 -22.03 -17.42 -28.42
C ARG B 213 -20.89 -18.43 -28.26
N THR B 214 -20.05 -18.21 -27.24
CA THR B 214 -18.90 -19.06 -27.00
C THR B 214 -19.31 -20.45 -26.53
N LEU B 215 -19.99 -20.51 -25.39
CA LEU B 215 -20.41 -21.77 -24.80
C LEU B 215 -21.66 -22.34 -25.47
N LYS B 216 -22.12 -21.65 -26.51
CA LYS B 216 -23.30 -22.03 -27.29
C LYS B 216 -24.48 -22.58 -26.47
N LEU B 217 -24.64 -22.04 -25.26
CA LEU B 217 -25.80 -22.33 -24.44
C LEU B 217 -26.97 -21.50 -24.96
N ASN B 218 -28.00 -22.19 -25.44
CA ASN B 218 -29.14 -21.53 -26.10
C ASN B 218 -29.77 -20.43 -25.25
N GLN B 219 -30.53 -20.83 -24.23
CA GLN B 219 -31.09 -19.87 -23.29
C GLN B 219 -30.45 -20.07 -21.91
N PRO B 220 -29.32 -19.40 -21.67
CA PRO B 220 -28.53 -19.59 -20.46
C PRO B 220 -29.26 -19.10 -19.22
N SER B 221 -28.84 -19.58 -18.05
CA SER B 221 -29.46 -19.19 -16.79
C SER B 221 -28.49 -18.37 -15.96
N TYR B 222 -29.00 -17.79 -14.86
CA TYR B 222 -28.15 -17.06 -13.93
C TYR B 222 -27.01 -17.95 -13.45
N GLY B 223 -27.30 -19.24 -13.32
CA GLY B 223 -26.32 -20.22 -12.86
C GLY B 223 -25.11 -20.30 -13.76
N ASP B 224 -25.36 -20.47 -15.06
CA ASP B 224 -24.28 -20.51 -16.05
C ASP B 224 -23.50 -19.20 -16.04
N LEU B 225 -24.21 -18.09 -15.87
CA LEU B 225 -23.58 -16.78 -15.78
C LEU B 225 -22.64 -16.71 -14.58
N ASN B 226 -23.03 -17.38 -13.50
CA ASN B 226 -22.27 -17.36 -12.27
C ASN B 226 -21.01 -18.23 -12.32
N ASN B 227 -21.04 -19.29 -13.13
CA ASN B 227 -19.88 -20.15 -13.31
C ASN B 227 -18.70 -19.37 -13.88
N LEU B 228 -18.99 -18.40 -14.73
CA LEU B 228 -17.96 -17.56 -15.32
C LEU B 228 -17.47 -16.52 -14.32
N VAL B 229 -18.40 -15.97 -13.54
CA VAL B 229 -18.03 -15.03 -12.48
C VAL B 229 -17.15 -15.76 -11.46
N SER B 230 -17.55 -16.97 -11.10
CA SER B 230 -16.82 -17.77 -10.13
C SER B 230 -15.43 -18.15 -10.64
N SER B 231 -15.34 -18.56 -11.90
CA SER B 231 -14.08 -18.98 -12.47
C SER B 231 -13.10 -17.82 -12.54
N VAL B 232 -13.63 -16.61 -12.74
CA VAL B 232 -12.82 -15.40 -12.73
C VAL B 232 -12.38 -15.03 -11.32
N MET B 233 -13.32 -15.01 -10.38
CA MET B 233 -13.04 -14.68 -8.99
C MET B 233 -11.98 -15.59 -8.39
N SER B 234 -12.10 -16.88 -8.70
CA SER B 234 -11.13 -17.87 -8.26
C SER B 234 -9.73 -17.51 -8.77
N GLY B 235 -9.64 -17.30 -10.09
CA GLY B 235 -8.38 -16.98 -10.72
C GLY B 235 -7.82 -15.64 -10.28
N VAL B 236 -8.71 -14.71 -9.97
CA VAL B 236 -8.30 -13.39 -9.50
C VAL B 236 -7.64 -13.50 -8.13
N THR B 237 -8.25 -14.29 -7.25
CA THR B 237 -7.81 -14.40 -5.87
C THR B 237 -6.74 -15.48 -5.71
N THR B 238 -6.24 -15.98 -6.83
CA THR B 238 -5.16 -16.98 -6.82
C THR B 238 -3.94 -16.43 -6.09
N SER B 239 -3.61 -15.17 -6.34
CA SER B 239 -2.48 -14.54 -5.69
C SER B 239 -2.74 -14.33 -4.19
N LEU B 240 -4.00 -14.43 -3.80
CA LEU B 240 -4.41 -14.19 -2.43
C LEU B 240 -4.50 -15.47 -1.60
N ARG B 241 -4.48 -16.61 -2.27
CA ARG B 241 -4.70 -17.89 -1.59
C ARG B 241 -3.52 -18.85 -1.75
N TYR B 242 -2.42 -18.35 -2.31
CA TYR B 242 -1.23 -19.18 -2.51
C TYR B 242 0.06 -18.36 -2.30
N PRO B 243 1.05 -18.95 -1.63
CA PRO B 243 2.27 -18.24 -1.19
C PRO B 243 3.25 -17.94 -2.32
N GLY B 244 4.27 -17.14 -1.99
CA GLY B 244 5.34 -16.82 -2.92
C GLY B 244 4.90 -16.28 -4.26
N GLN B 245 4.07 -15.24 -4.23
CA GLN B 245 3.54 -14.68 -5.46
C GLN B 245 4.00 -13.23 -5.68
N LEU B 246 3.18 -12.46 -6.39
CA LEU B 246 3.50 -11.08 -6.69
C LEU B 246 2.55 -10.14 -5.95
N ASN B 247 1.26 -10.26 -6.25
CA ASN B 247 0.24 -9.44 -5.59
C ASN B 247 -0.42 -10.19 -4.43
N SER B 248 0.28 -10.24 -3.30
CA SER B 248 -0.17 -11.05 -2.16
C SER B 248 -1.24 -10.38 -1.31
N ASP B 249 -1.19 -9.06 -1.20
CA ASP B 249 -2.18 -8.32 -0.42
C ASP B 249 -3.26 -7.73 -1.33
N LEU B 250 -4.33 -7.23 -0.73
CA LEU B 250 -5.33 -6.48 -1.47
C LEU B 250 -4.82 -5.06 -1.68
N ARG B 251 -3.80 -4.69 -0.91
CA ARG B 251 -3.24 -3.36 -0.99
C ARG B 251 -2.12 -3.31 -2.01
N LYS B 252 -1.31 -4.37 -2.07
CA LYS B 252 -0.25 -4.49 -3.06
C LYS B 252 -0.84 -4.49 -4.47
N LEU B 253 -1.91 -5.27 -4.63
CA LEU B 253 -2.61 -5.39 -5.90
C LEU B 253 -3.22 -4.07 -6.33
N ALA B 254 -3.68 -3.28 -5.37
CA ALA B 254 -4.32 -2.00 -5.65
C ALA B 254 -3.30 -0.96 -6.08
N VAL B 255 -2.16 -0.92 -5.40
CA VAL B 255 -1.08 0.01 -5.73
C VAL B 255 -0.60 -0.22 -7.17
N ASN B 256 -0.40 -1.48 -7.52
CA ASN B 256 0.06 -1.84 -8.85
C ASN B 256 -0.96 -1.55 -9.95
N LEU B 257 -2.23 -1.45 -9.56
CA LEU B 257 -3.31 -1.34 -10.55
C LEU B 257 -4.00 0.03 -10.59
N VAL B 258 -3.91 0.79 -9.50
CA VAL B 258 -4.65 2.05 -9.42
C VAL B 258 -3.71 3.26 -9.43
N PRO B 259 -3.53 3.88 -10.61
CA PRO B 259 -2.65 5.04 -10.76
C PRO B 259 -3.30 6.29 -10.19
N PHE B 260 -4.62 6.37 -10.30
CA PHE B 260 -5.38 7.53 -9.85
C PHE B 260 -6.56 7.09 -9.00
N PRO B 261 -6.79 7.80 -7.88
CA PRO B 261 -7.72 7.41 -6.81
C PRO B 261 -9.11 6.97 -7.28
N ARG B 262 -9.77 7.79 -8.09
CA ARG B 262 -11.13 7.50 -8.52
C ARG B 262 -11.19 6.70 -9.82
N LEU B 263 -10.06 6.10 -10.20
CA LEU B 263 -9.99 5.28 -11.40
C LEU B 263 -9.62 3.84 -11.06
N HIS B 264 -10.48 3.18 -10.28
CA HIS B 264 -10.19 1.85 -9.77
C HIS B 264 -11.19 0.80 -10.23
N PHE B 265 -11.77 1.01 -11.41
CA PHE B 265 -12.74 0.07 -11.97
C PHE B 265 -12.09 -0.76 -13.08
N PHE B 266 -12.13 -2.07 -12.92
CA PHE B 266 -11.37 -2.97 -13.81
C PHE B 266 -12.27 -3.89 -14.62
N MET B 267 -11.75 -4.34 -15.77
CA MET B 267 -12.39 -5.37 -16.57
C MET B 267 -11.77 -6.71 -16.20
N VAL B 268 -12.48 -7.80 -16.45
CA VAL B 268 -11.90 -9.13 -16.27
C VAL B 268 -12.01 -10.00 -17.51
N GLY B 269 -11.03 -10.86 -17.71
CA GLY B 269 -11.02 -11.80 -18.80
C GLY B 269 -10.57 -13.17 -18.33
N TYR B 270 -11.12 -14.22 -18.93
CA TYR B 270 -10.77 -15.59 -18.55
C TYR B 270 -10.56 -16.50 -19.76
N ALA B 271 -9.63 -17.43 -19.63
CA ALA B 271 -9.28 -18.35 -20.70
C ALA B 271 -8.72 -19.62 -20.10
N PRO B 272 -9.07 -20.79 -20.67
CA PRO B 272 -9.95 -20.93 -21.84
C PRO B 272 -11.43 -20.86 -21.47
N LEU B 273 -12.29 -20.89 -22.47
CA LEU B 273 -13.73 -20.89 -22.22
C LEU B 273 -14.45 -22.02 -22.95
N THR B 274 -14.15 -22.17 -24.23
CA THR B 274 -14.84 -23.13 -25.11
C THR B 274 -15.11 -24.51 -24.49
N ALA B 275 -16.39 -24.81 -24.29
CA ALA B 275 -16.82 -26.06 -23.68
C ALA B 275 -17.33 -27.03 -24.72
N ILE B 276 -16.40 -27.72 -25.39
CA ILE B 276 -16.74 -28.63 -26.47
C ILE B 276 -17.70 -29.71 -25.99
N GLY B 277 -18.65 -30.08 -26.86
CA GLY B 277 -19.67 -31.06 -26.57
C GLY B 277 -20.34 -31.60 -27.83
N SER B 283 -3.91 -30.55 -25.92
CA SER B 283 -4.25 -29.53 -24.93
C SER B 283 -3.91 -28.13 -25.43
N LEU B 284 -4.03 -27.14 -24.55
CA LEU B 284 -3.71 -25.76 -24.90
C LEU B 284 -2.24 -25.46 -24.71
N THR B 285 -1.71 -24.53 -25.49
CA THR B 285 -0.33 -24.09 -25.36
C THR B 285 -0.29 -22.67 -24.82
N VAL B 286 0.78 -22.34 -24.10
CA VAL B 286 0.94 -21.00 -23.52
C VAL B 286 0.70 -19.84 -24.49
N PRO B 287 1.27 -19.90 -25.71
CA PRO B 287 0.96 -18.81 -26.65
C PRO B 287 -0.52 -18.74 -27.01
N GLU B 288 -1.15 -19.89 -27.22
CA GLU B 288 -2.57 -19.93 -27.55
C GLU B 288 -3.42 -19.39 -26.42
N LEU B 289 -3.08 -19.78 -25.19
CA LEU B 289 -3.79 -19.33 -24.00
C LEU B 289 -3.70 -17.82 -23.83
N THR B 290 -2.52 -17.27 -24.12
CA THR B 290 -2.29 -15.84 -23.98
C THR B 290 -3.10 -15.04 -24.98
N GLN B 291 -3.14 -15.53 -26.23
CA GLN B 291 -3.95 -14.90 -27.26
C GLN B 291 -5.42 -14.94 -26.88
N GLN B 292 -5.84 -16.07 -26.33
CA GLN B 292 -7.24 -16.27 -25.95
C GLN B 292 -7.59 -15.49 -24.69
N MET B 293 -6.59 -14.96 -24.01
CA MET B 293 -6.82 -14.15 -22.82
C MET B 293 -7.12 -12.69 -23.19
N PHE B 294 -6.41 -12.20 -24.20
CA PHE B 294 -6.59 -10.82 -24.66
C PHE B 294 -7.69 -10.70 -25.71
N ASP B 295 -8.25 -11.84 -26.10
CA ASP B 295 -9.33 -11.87 -27.07
C ASP B 295 -10.57 -11.17 -26.49
N ALA B 296 -11.13 -10.25 -27.26
CA ALA B 296 -12.35 -9.54 -26.84
C ALA B 296 -13.52 -10.50 -26.71
N LYS B 297 -13.47 -11.60 -27.47
CA LYS B 297 -14.44 -12.67 -27.37
C LYS B 297 -14.37 -13.33 -25.99
N ASN B 298 -13.22 -13.20 -25.33
CA ASN B 298 -13.01 -13.75 -24.00
C ASN B 298 -13.08 -12.72 -22.87
N MET B 299 -13.67 -11.57 -23.16
CA MET B 299 -13.82 -10.52 -22.16
C MET B 299 -15.22 -10.55 -21.54
N MET B 300 -15.37 -9.87 -20.40
CA MET B 300 -16.64 -9.85 -19.69
C MET B 300 -17.15 -8.43 -19.45
N ALA B 301 -16.96 -7.57 -20.45
CA ALA B 301 -17.48 -6.21 -20.42
C ALA B 301 -17.70 -5.71 -21.85
N ALA B 302 -18.89 -5.19 -22.12
CA ALA B 302 -19.27 -4.82 -23.49
C ALA B 302 -18.65 -3.51 -23.97
N ALA B 303 -17.35 -3.35 -23.75
CA ALA B 303 -16.62 -2.21 -24.30
C ALA B 303 -15.49 -2.70 -25.19
N ASP B 304 -15.06 -1.83 -26.10
CA ASP B 304 -14.03 -2.18 -27.08
C ASP B 304 -12.64 -1.99 -26.48
N PRO B 305 -12.00 -3.10 -26.06
CA PRO B 305 -10.73 -3.04 -25.32
C PRO B 305 -9.55 -2.63 -26.20
N ARG B 306 -9.64 -2.93 -27.49
CA ARG B 306 -8.59 -2.58 -28.44
C ARG B 306 -8.65 -1.09 -28.78
N ASN B 307 -9.85 -0.53 -28.79
CA ASN B 307 -10.02 0.91 -28.93
C ASN B 307 -9.94 1.56 -27.55
N GLY B 308 -8.75 2.00 -27.19
CA GLY B 308 -8.48 2.53 -25.86
C GLY B 308 -7.12 2.06 -25.39
N ARG B 309 -6.75 2.45 -24.17
CA ARG B 309 -5.42 2.13 -23.66
C ARG B 309 -5.48 1.44 -22.31
N TYR B 310 -4.63 0.44 -22.11
CA TYR B 310 -4.46 -0.18 -20.80
C TYR B 310 -3.58 0.71 -19.94
N LEU B 311 -4.08 1.09 -18.77
CA LEU B 311 -3.28 1.85 -17.82
C LEU B 311 -2.34 0.92 -17.06
N THR B 312 -2.90 -0.14 -16.49
CA THR B 312 -2.13 -1.19 -15.84
C THR B 312 -2.82 -2.54 -16.07
N VAL B 313 -2.03 -3.60 -16.07
CA VAL B 313 -2.58 -4.94 -16.27
C VAL B 313 -2.01 -5.91 -15.22
N ALA B 314 -2.80 -6.90 -14.83
CA ALA B 314 -2.35 -7.93 -13.90
C ALA B 314 -2.92 -9.29 -14.29
N ALA B 315 -2.12 -10.10 -14.96
CA ALA B 315 -2.55 -11.42 -15.40
C ALA B 315 -2.19 -12.50 -14.38
N PHE B 316 -2.94 -13.59 -14.40
CA PHE B 316 -2.69 -14.70 -13.49
C PHE B 316 -2.77 -16.05 -14.20
N PHE B 317 -1.64 -16.73 -14.31
CA PHE B 317 -1.58 -18.03 -14.96
C PHE B 317 -1.55 -19.16 -13.93
N ARG B 318 -2.28 -20.23 -14.20
CA ARG B 318 -2.38 -21.35 -13.28
C ARG B 318 -2.19 -22.68 -14.00
N GLY B 319 -1.75 -23.70 -13.26
CA GLY B 319 -1.67 -25.05 -13.80
C GLY B 319 -0.32 -25.46 -14.33
N LYS B 320 -0.32 -26.45 -15.22
CA LYS B 320 0.91 -27.01 -15.77
C LYS B 320 1.56 -26.07 -16.78
N VAL B 321 1.96 -24.90 -16.32
CA VAL B 321 2.63 -23.92 -17.20
C VAL B 321 3.93 -23.43 -16.59
N SER B 322 4.98 -23.41 -17.41
CA SER B 322 6.28 -22.94 -16.98
C SER B 322 6.29 -21.42 -16.89
N VAL B 323 6.94 -20.90 -15.85
CA VAL B 323 7.02 -19.46 -15.63
C VAL B 323 7.73 -18.77 -16.79
N LYS B 324 8.87 -19.31 -17.21
CA LYS B 324 9.67 -18.75 -18.28
C LYS B 324 8.90 -18.58 -19.59
N GLU B 325 8.12 -19.60 -19.95
CA GLU B 325 7.37 -19.57 -21.20
C GLU B 325 6.16 -18.64 -21.12
N VAL B 326 5.68 -18.39 -19.90
CA VAL B 326 4.61 -17.44 -19.68
C VAL B 326 5.13 -16.01 -19.74
N GLU B 327 6.28 -15.79 -19.12
CA GLU B 327 6.90 -14.47 -19.08
C GLU B 327 7.41 -14.04 -20.46
N ASP B 328 7.90 -14.99 -21.24
CA ASP B 328 8.38 -14.70 -22.59
C ASP B 328 7.20 -14.41 -23.51
N GLU B 329 6.04 -14.97 -23.19
CA GLU B 329 4.86 -14.80 -24.03
C GLU B 329 4.14 -13.49 -23.74
N MET B 330 4.15 -13.08 -22.48
CA MET B 330 3.56 -11.80 -22.09
C MET B 330 4.42 -10.64 -22.59
N HIS B 331 5.74 -10.79 -22.47
CA HIS B 331 6.67 -9.78 -22.94
C HIS B 331 6.55 -9.58 -24.44
N LYS B 332 6.36 -10.67 -25.17
CA LYS B 332 6.19 -10.60 -26.62
C LYS B 332 4.87 -9.93 -27.00
N VAL B 333 3.79 -10.38 -26.38
CA VAL B 333 2.46 -9.81 -26.61
C VAL B 333 2.43 -8.31 -26.34
N GLN B 334 3.17 -7.87 -25.32
CA GLN B 334 3.26 -6.45 -25.00
C GLN B 334 4.03 -5.67 -26.07
N SER B 335 4.98 -6.33 -26.72
CA SER B 335 5.75 -5.71 -27.79
C SER B 335 4.89 -5.44 -29.03
N LYS B 336 4.19 -6.46 -29.49
CA LYS B 336 3.31 -6.34 -30.66
C LYS B 336 2.25 -5.27 -30.43
N ASN B 337 1.60 -5.32 -29.27
CA ASN B 337 0.52 -4.40 -28.96
C ASN B 337 0.95 -3.26 -28.04
N SER B 338 2.15 -2.73 -28.27
CA SER B 338 2.69 -1.66 -27.42
C SER B 338 1.89 -0.37 -27.51
N ASP B 339 1.03 -0.27 -28.51
CA ASP B 339 0.19 0.92 -28.68
C ASP B 339 -1.05 0.89 -27.80
N TYR B 340 -1.34 -0.26 -27.20
CA TYR B 340 -2.51 -0.41 -26.34
C TYR B 340 -2.14 -0.24 -24.87
N PHE B 341 -0.83 -0.22 -24.60
CA PHE B 341 -0.34 -0.02 -23.25
C PHE B 341 0.24 1.39 -23.13
N VAL B 342 -0.21 2.15 -22.13
CA VAL B 342 0.20 3.55 -21.98
C VAL B 342 1.71 3.65 -21.78
N GLU B 343 2.32 4.63 -22.44
CA GLU B 343 3.77 4.77 -22.46
C GLU B 343 4.33 5.34 -21.16
N TRP B 344 3.56 6.20 -20.51
CA TRP B 344 4.03 6.86 -19.29
C TRP B 344 3.86 6.02 -18.03
N ILE B 345 3.54 4.75 -18.20
CA ILE B 345 3.58 3.80 -17.10
C ILE B 345 4.44 2.60 -17.50
N PRO B 346 5.75 2.70 -17.29
CA PRO B 346 6.70 1.61 -17.55
C PRO B 346 6.32 0.36 -16.78
N ASN B 347 6.30 -0.78 -17.46
CA ASN B 347 5.87 -2.05 -16.88
C ASN B 347 4.43 -1.98 -16.35
N ASN B 348 3.49 -1.81 -17.28
CA ASN B 348 2.07 -1.79 -16.93
C ASN B 348 1.60 -3.13 -16.38
N VAL B 349 2.23 -4.20 -16.88
CA VAL B 349 1.74 -5.55 -16.66
C VAL B 349 2.48 -6.30 -15.55
N GLN B 350 1.72 -6.86 -14.62
CA GLN B 350 2.25 -7.78 -13.62
C GLN B 350 1.75 -9.19 -13.93
N THR B 351 2.67 -10.11 -14.21
CA THR B 351 2.30 -11.47 -14.57
C THR B 351 2.62 -12.45 -13.45
N ALA B 352 1.61 -13.18 -12.99
CA ALA B 352 1.78 -14.14 -11.90
C ALA B 352 1.45 -15.56 -12.33
N VAL B 353 2.28 -16.50 -11.90
CA VAL B 353 2.09 -17.91 -12.23
C VAL B 353 1.87 -18.74 -10.96
N CYS B 354 0.88 -19.63 -11.00
CA CYS B 354 0.63 -20.53 -9.90
C CYS B 354 0.60 -21.97 -10.40
N SER B 355 1.13 -22.88 -9.60
CA SER B 355 1.16 -24.29 -9.99
C SER B 355 -0.19 -24.98 -9.83
N VAL B 356 -1.03 -24.44 -8.95
CA VAL B 356 -2.31 -25.06 -8.65
C VAL B 356 -3.27 -24.94 -9.85
N ALA B 357 -3.88 -26.06 -10.22
CA ALA B 357 -4.77 -26.08 -11.37
C ALA B 357 -6.21 -25.82 -10.93
N PRO B 358 -6.98 -25.15 -11.80
CA PRO B 358 -8.38 -24.88 -11.53
C PRO B 358 -9.19 -26.17 -11.47
N GLN B 359 -8.74 -27.23 -12.15
CA GLN B 359 -9.40 -28.55 -12.18
C GLN B 359 -10.92 -28.49 -12.42
N GLY B 360 -11.39 -29.17 -13.46
CA GLY B 360 -10.54 -30.01 -14.30
C GLY B 360 -10.01 -29.31 -15.53
N LEU B 361 -8.92 -28.57 -15.35
CA LEU B 361 -8.24 -27.91 -16.45
C LEU B 361 -6.73 -28.02 -16.26
N ASP B 362 -6.02 -28.32 -17.34
CA ASP B 362 -4.57 -28.38 -17.32
C ASP B 362 -3.99 -27.03 -16.94
N MET B 363 -4.57 -25.97 -17.49
CA MET B 363 -4.13 -24.61 -17.20
C MET B 363 -5.20 -23.59 -17.57
N ALA B 364 -5.10 -22.40 -16.97
CA ALA B 364 -6.03 -21.32 -17.25
C ALA B 364 -5.39 -19.97 -16.92
N ALA B 365 -5.97 -18.90 -17.44
CA ALA B 365 -5.41 -17.57 -17.25
C ALA B 365 -6.49 -16.54 -16.94
N THR B 366 -6.28 -15.76 -15.89
CA THR B 366 -7.22 -14.71 -15.49
C THR B 366 -6.64 -13.32 -15.78
N PHE B 367 -7.50 -12.43 -16.27
CA PHE B 367 -7.06 -11.16 -16.81
C PHE B 367 -7.69 -9.97 -16.09
N ILE B 368 -6.88 -9.22 -15.35
CA ILE B 368 -7.38 -8.02 -14.67
C ILE B 368 -6.79 -6.75 -15.29
N ALA B 369 -7.62 -5.99 -16.01
CA ALA B 369 -7.14 -4.82 -16.71
C ALA B 369 -7.76 -3.52 -16.22
N ASN B 370 -6.93 -2.49 -16.09
CA ASN B 370 -7.40 -1.14 -15.83
C ASN B 370 -7.43 -0.37 -17.14
N SER B 371 -8.39 -0.70 -17.99
CA SER B 371 -8.48 -0.12 -19.32
C SER B 371 -9.30 1.17 -19.31
N THR B 372 -8.98 2.06 -20.24
CA THR B 372 -9.69 3.32 -20.38
C THR B 372 -10.92 3.13 -21.25
N SER B 373 -11.03 1.95 -21.85
CA SER B 373 -12.16 1.62 -22.72
C SER B 373 -13.42 1.35 -21.91
N ILE B 374 -13.26 1.18 -20.60
CA ILE B 374 -14.38 0.90 -19.71
C ILE B 374 -15.34 2.09 -19.63
N GLN B 375 -14.92 3.23 -20.18
CA GLN B 375 -15.74 4.42 -20.22
C GLN B 375 -17.05 4.17 -20.96
N GLU B 376 -17.02 3.24 -21.91
CA GLU B 376 -18.18 2.91 -22.73
C GLU B 376 -19.28 2.25 -21.91
N LEU B 377 -18.88 1.60 -20.82
CA LEU B 377 -19.84 1.01 -19.89
C LEU B 377 -20.58 2.11 -19.14
N PHE B 378 -19.82 3.02 -18.56
CA PHE B 378 -20.39 4.15 -17.83
C PHE B 378 -21.09 5.13 -18.78
N LYS B 379 -20.65 5.14 -20.04
CA LYS B 379 -21.23 6.01 -21.05
C LYS B 379 -22.67 5.63 -21.37
N ARG B 380 -22.88 4.36 -21.68
CA ARG B 380 -24.21 3.88 -22.05
C ARG B 380 -25.20 3.99 -20.89
N VAL B 381 -24.73 3.72 -19.68
CA VAL B 381 -25.56 3.80 -18.49
C VAL B 381 -25.93 5.27 -18.22
N GLY B 382 -24.95 6.14 -18.36
CA GLY B 382 -25.17 7.56 -18.19
C GLY B 382 -26.14 8.11 -19.21
N ASP B 383 -26.13 7.51 -20.40
CA ASP B 383 -27.06 7.92 -21.46
C ASP B 383 -28.49 7.44 -21.19
N GLN B 384 -28.61 6.36 -20.41
CA GLN B 384 -29.92 5.84 -20.05
C GLN B 384 -30.46 6.55 -18.81
N PHE B 385 -29.57 6.84 -17.87
CA PHE B 385 -29.91 7.61 -16.67
C PHE B 385 -30.49 8.96 -17.09
N SER B 386 -29.86 9.59 -18.08
CA SER B 386 -30.26 10.91 -18.55
C SER B 386 -31.66 10.88 -19.15
N ALA B 387 -31.88 9.97 -20.10
CA ALA B 387 -33.14 9.88 -20.83
C ALA B 387 -34.36 9.75 -19.91
N MET B 388 -34.15 9.18 -18.72
CA MET B 388 -35.20 9.07 -17.72
C MET B 388 -35.23 10.31 -16.84
N PHE B 389 -34.07 10.74 -16.39
CA PHE B 389 -33.96 11.86 -15.46
C PHE B 389 -34.48 13.17 -16.07
N LYS B 390 -34.36 13.31 -17.39
CA LYS B 390 -34.90 14.48 -18.08
C LYS B 390 -36.43 14.51 -17.97
N ARG B 391 -37.03 13.33 -17.97
CA ARG B 391 -38.49 13.21 -17.86
C ARG B 391 -38.90 13.09 -16.40
N LYS B 392 -37.91 13.15 -15.51
CA LYS B 392 -38.13 13.00 -14.07
C LYS B 392 -38.89 11.70 -13.78
N ALA B 393 -38.66 10.70 -14.61
CA ALA B 393 -39.41 9.44 -14.55
C ALA B 393 -39.09 8.59 -13.32
N PHE B 394 -40.09 7.87 -12.83
CA PHE B 394 -39.95 6.92 -11.71
C PHE B 394 -39.43 7.53 -10.42
N LEU B 395 -39.22 8.84 -10.40
CA LEU B 395 -38.65 9.53 -9.25
C LEU B 395 -39.41 9.28 -7.95
N HIS B 396 -40.74 9.30 -8.04
CA HIS B 396 -41.59 9.13 -6.86
C HIS B 396 -41.19 7.92 -6.02
N TRP B 397 -40.90 6.80 -6.67
CA TRP B 397 -40.49 5.59 -5.97
C TRP B 397 -39.19 5.78 -5.19
N TYR B 398 -38.32 6.69 -5.66
CA TYR B 398 -37.07 6.97 -4.97
C TYR B 398 -37.20 8.13 -3.98
N THR B 399 -37.82 9.21 -4.43
CA THR B 399 -37.87 10.44 -3.63
C THR B 399 -38.83 10.32 -2.44
N SER B 400 -39.66 9.29 -2.44
CA SER B 400 -40.57 9.04 -1.33
C SER B 400 -39.89 8.29 -0.20
N GLU B 401 -38.63 7.94 -0.42
CA GLU B 401 -37.85 7.25 0.60
C GLU B 401 -36.86 8.21 1.26
N GLY B 402 -36.99 9.49 0.94
CA GLY B 402 -36.15 10.51 1.54
C GLY B 402 -35.04 11.01 0.63
N MET B 403 -35.05 10.54 -0.61
CA MET B 403 -34.03 10.95 -1.58
C MET B 403 -34.30 12.35 -2.12
N ASP B 404 -33.38 12.85 -2.94
CA ASP B 404 -33.48 14.19 -3.50
C ASP B 404 -33.12 14.17 -4.99
N GLU B 405 -33.68 15.11 -5.75
CA GLU B 405 -33.38 15.23 -7.17
C GLU B 405 -31.95 15.72 -7.38
N LEU B 406 -31.43 16.45 -6.38
CA LEU B 406 -30.07 16.95 -6.43
C LEU B 406 -29.08 15.79 -6.40
N GLU B 407 -29.36 14.81 -5.55
CA GLU B 407 -28.51 13.63 -5.42
C GLU B 407 -28.43 12.88 -6.75
N PHE B 408 -29.51 12.91 -7.51
CA PHE B 408 -29.53 12.32 -8.84
C PHE B 408 -28.58 13.08 -9.78
N SER B 409 -28.72 14.40 -9.81
CA SER B 409 -27.88 15.25 -10.64
C SER B 409 -26.40 15.13 -10.27
N GLU B 410 -26.14 14.84 -8.99
CA GLU B 410 -24.78 14.64 -8.54
C GLU B 410 -24.21 13.34 -9.11
N ALA B 411 -24.98 12.26 -8.98
CA ALA B 411 -24.57 10.96 -9.50
C ALA B 411 -24.33 11.01 -11.01
N GLU B 412 -25.21 11.72 -11.72
CA GLU B 412 -25.10 11.85 -13.16
C GLU B 412 -23.85 12.62 -13.56
N SER B 413 -23.65 13.79 -12.96
CA SER B 413 -22.52 14.63 -13.28
C SER B 413 -21.21 14.04 -12.76
N ASN B 414 -21.27 13.35 -11.63
CA ASN B 414 -20.08 12.71 -11.07
C ASN B 414 -19.58 11.64 -12.03
N MET B 415 -20.42 10.65 -12.29
CA MET B 415 -20.05 9.53 -13.16
C MET B 415 -19.69 10.02 -14.56
N ASN B 416 -20.19 11.17 -14.94
CA ASN B 416 -19.82 11.77 -16.22
C ASN B 416 -18.37 12.24 -16.18
N ASP B 417 -17.97 12.84 -15.07
CA ASP B 417 -16.57 13.24 -14.87
C ASP B 417 -15.66 12.02 -14.89
N LEU B 418 -16.15 10.93 -14.31
CA LEU B 418 -15.43 9.66 -14.29
C LEU B 418 -15.05 9.24 -15.72
N VAL B 419 -15.98 9.45 -16.64
CA VAL B 419 -15.75 9.15 -18.04
C VAL B 419 -14.72 10.11 -18.62
N SER B 420 -14.89 11.40 -18.33
CA SER B 420 -14.00 12.45 -18.82
C SER B 420 -12.53 12.17 -18.48
N GLU B 421 -12.31 11.51 -17.35
CA GLU B 421 -10.96 11.19 -16.90
C GLU B 421 -10.33 10.06 -17.72
N TYR B 422 -11.15 9.06 -18.05
CA TYR B 422 -10.68 7.92 -18.85
C TYR B 422 -10.25 8.36 -20.25
N GLN B 423 -11.05 9.23 -20.85
CA GLN B 423 -10.76 9.76 -22.18
C GLN B 423 -9.57 10.72 -22.12
N GLN B 424 -9.46 11.44 -21.00
CA GLN B 424 -8.38 12.40 -20.80
C GLN B 424 -7.01 11.72 -20.80
N TYR B 425 -6.92 10.58 -20.13
CA TYR B 425 -5.65 9.87 -20.00
C TYR B 425 -5.28 9.07 -21.24
N GLN B 426 -6.10 9.15 -22.28
CA GLN B 426 -5.73 8.61 -23.57
C GLN B 426 -4.99 9.68 -24.37
N GLU B 427 -4.02 10.31 -23.72
CA GLU B 427 -3.23 11.36 -24.35
C GLU B 427 -1.74 11.04 -24.22
N ALA B 428 -0.94 11.67 -25.08
CA ALA B 428 0.49 11.37 -25.16
C ALA B 428 1.31 11.95 -24.01
N THR B 429 2.63 11.80 -24.09
CA THR B 429 3.53 12.28 -23.05
C THR B 429 3.51 13.80 -22.92
N VAL B 430 2.71 14.28 -21.97
CA VAL B 430 2.55 15.71 -21.74
C VAL B 430 2.86 16.04 -20.28
N GLU B 431 3.58 17.14 -20.06
CA GLU B 431 3.93 17.58 -18.71
C GLU B 431 2.74 18.27 -18.03
N ASP B 432 3.05 19.19 -17.11
CA ASP B 432 2.02 19.97 -16.42
C ASP B 432 2.23 21.47 -16.63
N THR C 11 -51.05 10.07 13.08
CA THR C 11 -51.82 11.06 13.82
C THR C 11 -51.03 11.62 15.00
N LEU C 12 -51.69 12.46 15.79
CA LEU C 12 -51.09 13.11 16.97
C LEU C 12 -50.68 12.07 18.04
N PRO C 13 -49.96 12.51 19.09
CA PRO C 13 -49.44 13.85 19.41
C PRO C 13 -47.96 14.03 19.08
N LEU C 14 -47.57 15.28 18.95
CA LEU C 14 -46.22 15.68 18.59
C LEU C 14 -45.11 14.99 19.41
N GLU C 15 -45.30 14.88 20.72
CA GLU C 15 -44.27 14.32 21.60
C GLU C 15 -43.94 12.86 21.28
N GLU C 16 -44.92 12.13 20.75
CA GLU C 16 -44.72 10.71 20.47
C GLU C 16 -44.23 10.50 19.04
N ARG C 17 -44.77 11.28 18.11
CA ARG C 17 -44.33 11.25 16.72
C ARG C 17 -42.84 11.60 16.64
N LEU C 18 -42.37 12.44 17.56
CA LEU C 18 -40.97 12.84 17.58
C LEU C 18 -40.04 11.64 17.74
N THR C 19 -40.54 10.59 18.38
CA THR C 19 -39.75 9.39 18.62
C THR C 19 -40.47 8.12 18.15
N TYR C 20 -41.45 8.27 17.27
CA TYR C 20 -42.22 7.13 16.77
C TYR C 20 -41.38 6.27 15.82
N LYS C 21 -41.70 4.98 15.79
CA LYS C 21 -40.89 3.98 15.06
C LYS C 21 -40.58 4.37 13.62
N LEU C 22 -41.60 4.76 12.88
CA LEU C 22 -41.41 5.17 11.49
C LEU C 22 -40.54 6.42 11.39
N TRP C 23 -39.56 6.38 10.49
CA TRP C 23 -38.63 7.48 10.31
C TRP C 23 -39.30 8.75 9.77
N LYS C 24 -40.24 8.56 8.83
CA LYS C 24 -40.89 9.67 8.17
C LYS C 24 -41.64 10.57 9.15
N ALA C 25 -42.26 9.96 10.15
CA ALA C 25 -42.97 10.69 11.19
C ALA C 25 -42.00 11.57 11.96
N ARG C 26 -40.85 11.00 12.29
CA ARG C 26 -39.80 11.74 12.98
C ARG C 26 -39.31 12.91 12.14
N LEU C 27 -39.23 12.69 10.82
CA LEU C 27 -38.84 13.74 9.88
C LEU C 27 -39.80 14.91 9.93
N GLU C 28 -41.06 14.66 9.59
CA GLU C 28 -42.09 15.69 9.56
C GLU C 28 -42.23 16.41 10.90
N ALA C 29 -42.06 15.67 11.99
CA ALA C 29 -42.19 16.23 13.33
C ALA C 29 -41.05 17.18 13.66
N TYR C 30 -39.85 16.85 13.19
CA TYR C 30 -38.69 17.73 13.35
C TYR C 30 -38.93 19.04 12.63
N LYS C 31 -39.42 18.95 11.40
CA LYS C 31 -39.71 20.12 10.58
C LYS C 31 -40.80 20.98 11.22
N GLU C 32 -41.68 20.34 11.98
CA GLU C 32 -42.72 21.05 12.73
C GLU C 32 -42.09 21.81 13.89
N LEU C 33 -41.20 21.14 14.62
CA LEU C 33 -40.43 21.79 15.68
C LEU C 33 -39.67 22.99 15.12
N ASN C 34 -39.09 22.81 13.93
CA ASN C 34 -38.35 23.86 13.24
C ASN C 34 -39.19 25.12 12.99
N GLN C 35 -40.36 24.93 12.38
CA GLN C 35 -41.26 26.05 12.10
C GLN C 35 -41.83 26.66 13.37
N LEU C 36 -41.99 25.83 14.40
CA LEU C 36 -42.44 26.31 15.71
C LEU C 36 -41.41 27.28 16.29
N PHE C 37 -40.14 26.98 16.09
CA PHE C 37 -39.06 27.83 16.59
C PHE C 37 -38.97 29.13 15.81
N ARG C 38 -39.01 29.02 14.49
CA ARG C 38 -38.86 30.18 13.61
C ARG C 38 -39.93 31.25 13.84
N ASN C 39 -41.18 30.81 13.92
CA ASN C 39 -42.30 31.74 14.10
C ASN C 39 -42.44 32.20 15.56
N SER C 40 -41.33 32.22 16.29
CA SER C 40 -41.32 32.67 17.67
C SER C 40 -40.20 33.67 17.92
N GLN C 51 -43.24 24.86 24.48
CA GLN C 51 -42.19 24.50 23.53
C GLN C 51 -40.81 24.91 24.04
N ILE C 52 -40.49 24.49 25.25
CA ILE C 52 -39.21 24.82 25.86
C ILE C 52 -38.26 23.63 25.89
N TYR C 53 -37.60 23.39 24.75
CA TYR C 53 -36.63 22.32 24.63
C TYR C 53 -35.25 22.81 25.07
N TRP C 54 -35.22 24.02 25.61
CA TRP C 54 -33.97 24.66 26.04
C TRP C 54 -33.57 24.15 27.42
N ARG C 55 -34.56 23.68 28.19
CA ARG C 55 -34.32 23.19 29.54
C ARG C 55 -33.56 21.87 29.55
N ASP C 56 -34.09 20.87 28.86
CA ASP C 56 -33.46 19.56 28.83
C ASP C 56 -32.85 19.26 27.46
N PRO C 57 -31.51 19.15 27.41
CA PRO C 57 -30.79 18.92 26.15
C PRO C 57 -30.90 17.47 25.65
N THR C 58 -31.23 16.54 26.54
CA THR C 58 -31.33 15.12 26.20
C THR C 58 -32.30 14.88 25.05
N LEU C 59 -33.31 15.74 24.96
CA LEU C 59 -34.30 15.68 23.89
C LEU C 59 -33.66 15.83 22.52
N PHE C 60 -33.03 16.98 22.27
CA PHE C 60 -32.38 17.19 20.98
C PHE C 60 -31.08 16.41 20.85
N ALA C 61 -30.44 16.08 21.98
CA ALA C 61 -29.26 15.23 21.95
C ALA C 61 -29.61 13.84 21.46
N GLN C 62 -30.91 13.53 21.44
CA GLN C 62 -31.41 12.28 20.88
C GLN C 62 -31.73 12.47 19.40
N TYR C 63 -32.22 13.65 19.06
CA TYR C 63 -32.62 13.95 17.69
C TYR C 63 -31.41 14.19 16.79
N ILE C 64 -30.34 14.74 17.36
CA ILE C 64 -29.11 14.98 16.61
C ILE C 64 -28.54 13.68 16.06
N THR C 65 -28.81 12.58 16.76
CA THR C 65 -28.44 11.26 16.29
C THR C 65 -29.69 10.44 16.02
N ASP C 66 -30.40 10.78 14.94
CA ASP C 66 -31.69 10.17 14.64
C ASP C 66 -31.57 8.77 14.03
N SER C 67 -30.36 8.38 13.64
CA SER C 67 -30.12 7.09 13.00
C SER C 67 -30.84 6.93 11.66
N ASN C 68 -31.27 8.04 11.08
CA ASN C 68 -31.85 8.08 9.75
C ASN C 68 -31.52 9.42 9.10
N VAL C 69 -30.38 9.48 8.41
CA VAL C 69 -29.76 10.73 7.95
C VAL C 69 -30.70 11.76 7.36
N VAL C 70 -31.72 11.30 6.64
CA VAL C 70 -32.68 12.21 6.01
C VAL C 70 -33.46 12.95 7.08
N ALA C 71 -33.82 12.26 8.14
CA ALA C 71 -34.55 12.86 9.26
C ALA C 71 -33.60 13.58 10.20
N GLN C 72 -32.43 12.98 10.42
CA GLN C 72 -31.39 13.57 11.27
C GLN C 72 -30.95 14.93 10.73
N GLU C 73 -30.99 15.07 9.41
CA GLU C 73 -30.62 16.30 8.73
C GLU C 73 -31.52 17.45 9.18
N GLN C 74 -32.78 17.14 9.48
CA GLN C 74 -33.75 18.15 9.85
C GLN C 74 -33.79 18.41 11.36
N ALA C 75 -33.38 17.42 12.14
CA ALA C 75 -33.28 17.59 13.59
C ALA C 75 -32.21 18.62 13.90
N ILE C 76 -31.12 18.55 13.15
CA ILE C 76 -30.01 19.48 13.27
C ILE C 76 -30.42 20.85 12.74
N VAL C 77 -31.12 20.87 11.62
CA VAL C 77 -31.69 22.10 11.07
C VAL C 77 -32.59 22.77 12.11
N ALA C 78 -33.37 21.97 12.83
CA ALA C 78 -34.24 22.50 13.87
C ALA C 78 -33.46 22.85 15.12
N LEU C 79 -32.40 22.10 15.40
CA LEU C 79 -31.52 22.38 16.52
C LEU C 79 -30.94 23.79 16.38
N ASN C 80 -30.46 24.09 15.17
CA ASN C 80 -29.88 25.40 14.88
C ASN C 80 -30.89 26.51 15.07
N SER C 81 -32.16 26.19 14.81
CA SER C 81 -33.26 27.13 14.99
C SER C 81 -33.58 27.32 16.46
N LEU C 82 -33.42 26.24 17.22
CA LEU C 82 -33.68 26.26 18.66
C LEU C 82 -32.74 27.22 19.37
N ILE C 83 -31.44 27.10 19.08
CA ILE C 83 -30.43 27.93 19.74
C ILE C 83 -30.47 29.37 19.22
N ASP C 84 -31.14 29.57 18.09
CA ASP C 84 -31.22 30.87 17.44
C ASP C 84 -32.32 31.72 18.09
N ALA C 85 -33.01 31.15 19.06
CA ALA C 85 -34.08 31.85 19.77
C ALA C 85 -33.63 32.35 21.14
N PHE C 86 -32.52 31.81 21.64
CA PHE C 86 -32.03 32.20 22.96
C PHE C 86 -30.57 32.68 22.89
N ALA C 87 -30.23 33.89 23.37
CA ALA C 87 -31.12 34.89 24.00
C ALA C 87 -31.93 34.45 25.22
N LEU C 91 -28.59 33.66 28.92
CA LEU C 91 -28.68 33.83 30.36
C LEU C 91 -28.21 32.57 31.08
N LYS C 92 -27.54 32.75 32.21
CA LYS C 92 -27.06 31.64 33.03
C LYS C 92 -25.98 30.85 32.29
N ASN C 93 -24.72 31.11 32.63
CA ASN C 93 -23.60 30.51 31.93
C ASN C 93 -23.39 29.03 32.28
N ALA C 94 -24.00 28.60 33.37
CA ALA C 94 -23.85 27.23 33.84
C ALA C 94 -24.67 26.26 32.99
N HIS C 95 -25.90 26.67 32.68
CA HIS C 95 -26.79 25.87 31.86
C HIS C 95 -26.31 25.78 30.42
N ASN C 96 -25.56 26.80 30.00
CA ASN C 96 -25.00 26.83 28.65
C ASN C 96 -23.89 25.81 28.48
N ILE C 97 -23.00 25.76 29.47
CA ILE C 97 -21.89 24.81 29.46
C ILE C 97 -22.40 23.37 29.31
N THR C 98 -23.54 23.09 29.93
CA THR C 98 -24.15 21.76 29.83
C THR C 98 -24.68 21.50 28.43
N LEU C 99 -25.26 22.54 27.81
CA LEU C 99 -25.78 22.40 26.45
C LEU C 99 -24.66 22.12 25.46
N ILE C 100 -23.53 22.79 25.67
CA ILE C 100 -22.35 22.60 24.82
C ILE C 100 -21.75 21.22 25.05
N SER C 101 -21.63 20.81 26.31
CA SER C 101 -21.04 19.53 26.67
C SER C 101 -21.90 18.35 26.22
N THR C 102 -23.15 18.63 25.92
CA THR C 102 -24.10 17.60 25.51
C THR C 102 -24.23 17.52 23.98
N TRP C 103 -24.28 18.69 23.35
CA TRP C 103 -24.57 18.78 21.92
C TRP C 103 -23.34 18.84 21.02
N THR C 104 -22.41 19.74 21.34
CA THR C 104 -21.21 19.94 20.54
C THR C 104 -20.45 18.64 20.17
N PRO C 105 -20.12 17.79 21.16
CA PRO C 105 -19.43 16.55 20.77
C PRO C 105 -20.26 15.67 19.83
N LEU C 106 -21.58 15.75 19.94
CA LEU C 106 -22.47 14.95 19.09
C LEU C 106 -22.51 15.51 17.68
N LEU C 107 -22.50 16.82 17.57
CA LEU C 107 -22.55 17.49 16.27
C LEU C 107 -21.24 17.34 15.50
N VAL C 108 -20.12 17.29 16.22
CA VAL C 108 -18.83 17.14 15.58
C VAL C 108 -18.64 15.69 15.12
N GLU C 109 -19.08 14.76 15.96
CA GLU C 109 -18.90 13.34 15.67
C GLU C 109 -19.82 12.82 14.58
N LYS C 110 -21.11 13.16 14.67
CA LYS C 110 -22.09 12.60 13.75
C LYS C 110 -22.66 13.60 12.74
N GLY C 111 -22.20 14.85 12.80
CA GLY C 111 -22.73 15.88 11.91
C GLY C 111 -21.69 16.47 10.97
N LEU C 112 -20.46 16.58 11.45
CA LEU C 112 -19.37 17.11 10.63
C LEU C 112 -18.70 16.00 9.84
N THR C 113 -18.82 14.77 10.32
CA THR C 113 -18.27 13.61 9.63
C THR C 113 -19.24 13.13 8.56
N SER C 114 -20.46 13.65 8.61
CA SER C 114 -21.48 13.34 7.60
C SER C 114 -21.03 13.79 6.22
N SER C 115 -21.56 13.14 5.20
CA SER C 115 -21.21 13.46 3.81
C SER C 115 -22.34 14.19 3.10
N ARG C 116 -23.23 14.81 3.87
CA ARG C 116 -24.33 15.58 3.32
C ARG C 116 -24.08 17.08 3.49
N ALA C 117 -24.37 17.86 2.46
CA ALA C 117 -24.11 19.30 2.46
C ALA C 117 -24.88 20.04 3.55
N THR C 118 -26.17 19.76 3.64
CA THR C 118 -27.04 20.41 4.62
C THR C 118 -26.64 20.07 6.04
N THR C 119 -26.41 18.79 6.30
CA THR C 119 -26.00 18.32 7.62
C THR C 119 -24.68 18.96 8.06
N LYS C 120 -23.68 18.89 7.20
CA LYS C 120 -22.36 19.46 7.48
C LYS C 120 -22.44 20.95 7.84
N THR C 121 -23.06 21.73 6.96
CA THR C 121 -23.17 23.17 7.14
C THR C 121 -23.95 23.54 8.41
N GLN C 122 -25.11 22.92 8.57
CA GLN C 122 -25.98 23.19 9.72
C GLN C 122 -25.34 22.75 11.03
N SER C 123 -24.70 21.58 11.03
CA SER C 123 -24.05 21.08 12.24
C SER C 123 -23.00 22.06 12.74
N MET C 124 -22.15 22.54 11.83
CA MET C 124 -21.11 23.49 12.18
C MET C 124 -21.72 24.76 12.77
N SER C 125 -22.74 25.28 12.10
CA SER C 125 -23.41 26.50 12.54
C SER C 125 -23.93 26.39 13.96
N CYS C 126 -24.40 25.20 14.32
CA CYS C 126 -24.84 24.95 15.69
C CYS C 126 -23.65 25.06 16.63
N ILE C 127 -22.56 24.38 16.29
CA ILE C 127 -21.35 24.37 17.11
C ILE C 127 -20.78 25.79 17.28
N LEU C 128 -20.91 26.60 16.25
CA LEU C 128 -20.46 28.00 16.32
C LEU C 128 -21.42 28.83 17.17
N SER C 129 -22.71 28.68 16.90
CA SER C 129 -23.72 29.47 17.59
C SER C 129 -23.86 29.08 19.06
N LEU C 130 -23.59 27.82 19.36
CA LEU C 130 -23.58 27.34 20.74
C LEU C 130 -22.38 27.90 21.49
N CYS C 131 -21.33 28.23 20.75
CA CYS C 131 -20.11 28.77 21.34
C CYS C 131 -20.27 30.24 21.67
N GLY C 132 -21.24 30.90 21.05
CA GLY C 132 -21.52 32.29 21.31
C GLY C 132 -22.11 32.49 22.69
N LEU C 133 -22.79 31.45 23.18
CA LEU C 133 -23.44 31.48 24.49
C LEU C 133 -22.40 31.60 25.61
N ASP C 134 -21.19 31.12 25.32
CA ASP C 134 -20.10 31.14 26.30
C ASP C 134 -19.34 32.47 26.22
N THR C 135 -18.35 32.64 27.08
CA THR C 135 -17.55 33.86 27.11
C THR C 135 -16.31 33.74 26.23
N SER C 136 -15.87 32.51 25.98
CA SER C 136 -14.70 32.25 25.15
C SER C 136 -14.77 30.89 24.48
N ILE C 137 -13.84 30.64 23.56
CA ILE C 137 -13.80 29.39 22.81
C ILE C 137 -13.18 28.26 23.62
N THR C 138 -12.69 28.58 24.81
CA THR C 138 -12.02 27.64 25.70
C THR C 138 -12.81 26.35 25.91
N GLN C 139 -13.94 26.44 26.59
CA GLN C 139 -14.79 25.28 26.85
C GLN C 139 -15.15 24.48 25.61
N SER C 140 -15.51 25.18 24.54
CA SER C 140 -15.90 24.55 23.28
C SER C 140 -14.73 23.77 22.69
N VAL C 141 -13.60 24.46 22.52
CA VAL C 141 -12.38 23.87 21.97
C VAL C 141 -11.96 22.63 22.76
N GLU C 142 -11.98 22.72 24.08
CA GLU C 142 -11.56 21.61 24.94
C GLU C 142 -12.49 20.40 24.82
N LEU C 143 -13.67 20.62 24.24
CA LEU C 143 -14.62 19.54 24.00
C LEU C 143 -14.39 18.89 22.65
N VAL C 144 -13.77 19.64 21.73
CA VAL C 144 -13.50 19.16 20.39
C VAL C 144 -12.16 18.42 20.34
N ILE C 145 -11.23 18.87 21.18
CA ILE C 145 -9.87 18.31 21.22
C ILE C 145 -9.74 16.78 21.31
N PRO C 146 -10.44 16.12 22.25
CA PRO C 146 -10.20 14.68 22.41
C PRO C 146 -10.57 13.81 21.20
N PHE C 147 -10.99 14.41 20.10
CA PHE C 147 -11.29 13.65 18.89
C PHE C 147 -10.03 13.38 18.06
N PHE C 148 -8.93 14.03 18.45
CA PHE C 148 -7.65 13.85 17.77
C PHE C 148 -7.12 12.43 17.97
N GLU C 149 -7.68 11.72 18.94
CA GLU C 149 -7.21 10.39 19.30
C GLU C 149 -8.09 9.29 18.69
N LYS C 150 -9.00 9.69 17.80
CA LYS C 150 -9.83 8.73 17.09
C LYS C 150 -9.06 8.19 15.88
N LYS C 151 -9.44 7.00 15.40
CA LYS C 151 -8.70 6.37 14.30
C LYS C 151 -9.32 6.67 12.93
N LEU C 152 -10.50 7.26 12.93
CA LEU C 152 -11.18 7.62 11.69
C LEU C 152 -10.70 9.00 11.22
N PRO C 153 -9.95 9.04 10.11
CA PRO C 153 -9.30 10.27 9.63
C PRO C 153 -10.27 11.43 9.39
N LYS C 154 -11.39 11.17 8.72
CA LYS C 154 -12.32 12.25 8.40
C LYS C 154 -12.96 12.84 9.65
N LEU C 155 -12.92 12.08 10.74
CA LEU C 155 -13.38 12.59 12.02
C LEU C 155 -12.32 13.48 12.66
N ILE C 156 -11.05 13.08 12.51
CA ILE C 156 -9.94 13.88 13.00
C ILE C 156 -9.88 15.22 12.28
N ALA C 157 -9.96 15.16 10.95
CA ALA C 157 -9.90 16.36 10.13
C ALA C 157 -11.08 17.28 10.42
N ALA C 158 -12.22 16.68 10.73
CA ALA C 158 -13.42 17.44 11.08
C ALA C 158 -13.18 18.26 12.33
N ALA C 159 -12.54 17.64 13.32
CA ALA C 159 -12.24 18.30 14.58
C ALA C 159 -11.24 19.45 14.38
N ALA C 160 -10.26 19.22 13.52
CA ALA C 160 -9.26 20.24 13.21
C ALA C 160 -9.91 21.41 12.48
N ASN C 161 -10.70 21.11 11.45
CA ASN C 161 -11.42 22.12 10.71
C ASN C 161 -12.42 22.86 11.59
N CYS C 162 -12.91 22.17 12.61
CA CYS C 162 -13.86 22.76 13.56
C CYS C 162 -13.17 23.79 14.45
N VAL C 163 -12.06 23.38 15.06
CA VAL C 163 -11.28 24.28 15.92
C VAL C 163 -10.79 25.48 15.10
N TYR C 164 -10.49 25.23 13.83
CA TYR C 164 -10.13 26.28 12.89
C TYR C 164 -11.23 27.33 12.80
N GLU C 165 -12.44 26.87 12.52
CA GLU C 165 -13.59 27.75 12.34
C GLU C 165 -13.89 28.53 13.62
N LEU C 166 -13.75 27.87 14.77
CA LEU C 166 -14.00 28.48 16.07
C LEU C 166 -13.15 29.73 16.27
N MET C 167 -11.89 29.65 15.84
CA MET C 167 -10.97 30.76 15.97
C MET C 167 -11.29 31.88 14.97
N ALA C 168 -11.51 31.52 13.72
CA ALA C 168 -11.75 32.50 12.67
C ALA C 168 -13.14 33.13 12.76
N ALA C 169 -13.87 32.79 13.82
CA ALA C 169 -15.21 33.35 14.04
C ALA C 169 -15.26 34.22 15.29
N PHE C 170 -14.44 33.88 16.29
CA PHE C 170 -14.46 34.60 17.56
C PHE C 170 -13.09 35.11 17.97
N GLY C 171 -12.05 34.39 17.58
CA GLY C 171 -10.68 34.76 17.91
C GLY C 171 -10.30 34.35 19.33
N LEU C 172 -9.10 34.75 19.74
CA LEU C 172 -8.62 34.44 21.09
C LEU C 172 -9.17 35.41 22.12
N THR C 173 -10.24 36.11 21.75
CA THR C 173 -10.90 37.06 22.63
C THR C 173 -11.30 36.41 23.95
N ASN C 174 -10.91 37.04 25.05
CA ASN C 174 -11.26 36.61 26.40
C ASN C 174 -10.70 35.23 26.75
N VAL C 175 -9.45 34.98 26.35
CA VAL C 175 -8.80 33.70 26.60
C VAL C 175 -7.38 33.92 27.12
N ASN C 176 -6.98 33.16 28.12
CA ASN C 176 -5.59 33.20 28.59
C ASN C 176 -4.68 32.36 27.69
N VAL C 177 -4.09 33.01 26.70
CA VAL C 177 -3.27 32.34 25.69
C VAL C 177 -2.07 31.58 26.26
N GLN C 178 -1.80 31.80 27.55
CA GLN C 178 -0.71 31.11 28.23
C GLN C 178 -1.11 29.67 28.58
N THR C 179 -2.36 29.49 28.98
CA THR C 179 -2.87 28.17 29.35
C THR C 179 -3.43 27.46 28.12
N PHE C 180 -4.06 28.23 27.23
CA PHE C 180 -4.79 27.69 26.09
C PHE C 180 -3.89 27.02 25.05
N LEU C 181 -3.05 27.82 24.39
CA LEU C 181 -2.24 27.34 23.27
C LEU C 181 -1.35 26.11 23.53
N PRO C 182 -0.56 26.10 24.62
CA PRO C 182 0.32 24.95 24.83
C PRO C 182 -0.42 23.61 24.99
N GLU C 183 -1.70 23.67 25.33
CA GLU C 183 -2.52 22.47 25.41
C GLU C 183 -2.95 22.04 24.01
N LEU C 184 -3.31 23.03 23.20
CA LEU C 184 -3.76 22.78 21.84
C LEU C 184 -2.63 22.20 21.00
N LEU C 185 -1.46 22.84 21.06
CA LEU C 185 -0.31 22.42 20.29
C LEU C 185 0.26 21.09 20.76
N LYS C 186 -0.11 20.69 21.97
CA LYS C 186 0.41 19.45 22.57
C LYS C 186 0.10 18.22 21.72
N HIS C 187 -1.04 18.24 21.03
CA HIS C 187 -1.48 17.11 20.23
C HIS C 187 -1.43 17.41 18.73
N VAL C 188 -0.80 18.53 18.38
CA VAL C 188 -0.69 18.98 17.00
C VAL C 188 0.34 18.26 16.11
N PRO C 189 1.60 18.09 16.60
CA PRO C 189 2.61 17.42 15.76
C PRO C 189 2.18 16.03 15.28
N GLN C 190 1.66 15.22 16.20
CA GLN C 190 1.18 13.88 15.87
C GLN C 190 0.18 13.90 14.71
N LEU C 191 -0.63 14.96 14.66
CA LEU C 191 -1.62 15.12 13.61
C LEU C 191 -1.00 15.64 12.32
N ALA C 192 0.06 16.45 12.45
CA ALA C 192 0.71 17.06 11.31
C ALA C 192 1.46 16.05 10.48
N GLY C 193 1.77 14.90 11.08
CA GLY C 193 2.45 13.83 10.39
C GLY C 193 1.53 12.65 10.14
N HIS C 194 0.24 12.89 10.32
CA HIS C 194 -0.77 11.86 10.10
C HIS C 194 -0.75 11.41 8.65
N GLY C 195 -1.01 10.12 8.44
CA GLY C 195 -0.97 9.55 7.10
C GLY C 195 -1.95 10.20 6.12
N ASP C 196 -3.20 10.32 6.55
CA ASP C 196 -4.26 10.90 5.73
C ASP C 196 -3.92 12.32 5.31
N ARG C 197 -4.04 12.61 4.01
CA ARG C 197 -3.67 13.90 3.46
C ARG C 197 -4.52 15.04 4.01
N ASN C 198 -5.83 14.80 4.10
CA ASN C 198 -6.77 15.84 4.51
C ASN C 198 -6.55 16.32 5.95
N VAL C 199 -6.22 15.39 6.83
CA VAL C 199 -5.93 15.74 8.22
C VAL C 199 -4.76 16.72 8.30
N ARG C 200 -3.69 16.41 7.57
CA ARG C 200 -2.54 17.30 7.48
C ARG C 200 -2.93 18.66 6.91
N SER C 201 -3.70 18.65 5.82
CA SER C 201 -4.15 19.87 5.17
C SER C 201 -4.92 20.78 6.11
N GLN C 202 -5.70 20.18 7.00
CA GLN C 202 -6.50 20.94 7.97
C GLN C 202 -5.64 21.36 9.15
N THR C 203 -4.67 20.53 9.51
CA THR C 203 -3.73 20.85 10.58
C THR C 203 -2.96 22.12 10.23
N MET C 204 -2.42 22.18 9.02
CA MET C 204 -1.71 23.37 8.56
C MET C 204 -2.61 24.61 8.56
N ASN C 205 -3.88 24.40 8.22
CA ASN C 205 -4.85 25.48 8.18
C ASN C 205 -5.13 26.00 9.58
N LEU C 206 -4.91 25.13 10.57
CA LEU C 206 -5.07 25.50 11.97
C LEU C 206 -3.85 26.31 12.44
N ILE C 207 -2.69 26.04 11.84
CA ILE C 207 -1.46 26.73 12.21
C ILE C 207 -1.51 28.19 11.80
N VAL C 208 -1.87 28.45 10.55
CA VAL C 208 -1.95 29.81 10.03
C VAL C 208 -2.96 30.66 10.78
N GLU C 209 -3.95 30.02 11.39
CA GLU C 209 -4.95 30.73 12.18
C GLU C 209 -4.40 31.13 13.54
N ILE C 210 -3.72 30.20 14.19
CA ILE C 210 -3.08 30.47 15.46
C ILE C 210 -2.11 31.64 15.33
N TYR C 211 -1.46 31.72 14.17
CA TYR C 211 -0.56 32.84 13.89
C TYR C 211 -1.37 34.12 13.72
N LYS C 212 -2.44 34.06 12.94
CA LYS C 212 -3.25 35.24 12.62
C LYS C 212 -3.82 35.97 13.85
N VAL C 213 -3.64 35.39 15.04
CA VAL C 213 -4.04 36.04 16.27
C VAL C 213 -2.86 36.16 17.24
N LEU C 225 6.26 26.40 17.81
CA LEU C 225 5.73 25.04 17.78
C LEU C 225 6.55 24.10 16.89
N PHE C 226 7.24 24.70 15.92
CA PHE C 226 7.84 23.97 14.78
C PHE C 226 8.68 22.77 15.17
N LYS C 227 10.00 22.91 15.04
CA LYS C 227 11.02 21.91 15.45
C LYS C 227 10.60 20.41 15.47
N LYS C 228 9.38 20.12 15.89
CA LYS C 228 8.83 18.78 15.86
C LYS C 228 8.05 18.53 14.57
N LEU C 229 8.12 19.49 13.65
CA LEU C 229 7.43 19.39 12.36
C LEU C 229 8.42 19.13 11.25
N LYS C 230 7.96 18.46 10.20
CA LYS C 230 8.79 18.19 9.03
C LYS C 230 9.34 19.49 8.46
N PRO C 231 10.62 19.49 8.06
CA PRO C 231 11.31 20.66 7.51
C PRO C 231 10.58 21.25 6.30
N ILE C 232 10.04 20.38 5.45
CA ILE C 232 9.31 20.82 4.27
C ILE C 232 7.98 21.46 4.65
N GLN C 233 7.39 21.00 5.74
CA GLN C 233 6.14 21.58 6.25
C GLN C 233 6.40 23.02 6.72
N VAL C 234 7.52 23.22 7.40
CA VAL C 234 7.91 24.53 7.90
C VAL C 234 8.18 25.51 6.76
N LYS C 235 8.84 25.02 5.71
CA LYS C 235 9.10 25.83 4.52
C LYS C 235 7.80 26.35 3.92
N ASP C 236 6.85 25.44 3.70
CA ASP C 236 5.55 25.80 3.14
C ASP C 236 4.77 26.71 4.06
N LEU C 237 4.89 26.47 5.37
CA LEU C 237 4.30 27.35 6.36
C LEU C 237 4.80 28.77 6.16
N HIS C 238 6.12 28.95 6.23
CA HIS C 238 6.77 30.25 6.08
C HIS C 238 6.30 31.00 4.84
N LYS C 239 5.98 30.26 3.79
CA LYS C 239 5.41 30.85 2.57
C LYS C 239 3.99 31.32 2.83
N LEU C 240 3.20 30.48 3.48
CA LEU C 240 1.80 30.82 3.79
C LEU C 240 1.69 32.00 4.75
N PHE C 241 2.67 32.16 5.62
CA PHE C 241 2.70 33.29 6.55
C PHE C 241 2.71 34.62 5.81
N ALA C 242 3.57 34.69 4.79
CA ALA C 242 3.65 35.89 3.95
C ALA C 242 2.40 36.04 3.08
N LYS C 243 1.26 36.26 3.71
CA LYS C 243 -0.01 36.43 3.01
C LYS C 243 -1.10 36.93 3.96
N VAL C 244 -0.88 38.08 4.55
CA VAL C 244 -1.86 38.65 5.47
C VAL C 244 -2.02 40.16 5.29
N GLY C 245 -3.26 40.61 5.26
CA GLY C 245 -3.55 42.02 5.05
C GLY C 245 -4.07 42.72 6.29
N ASP C 246 -5.34 42.49 6.59
CA ASP C 246 -6.00 43.11 7.75
C ASP C 246 -5.92 44.63 7.67
N LEU C 254 -19.11 37.08 16.83
CA LEU C 254 -19.46 37.79 18.05
C LEU C 254 -20.17 36.91 19.07
N PHE C 255 -19.69 36.91 20.30
CA PHE C 255 -20.31 36.16 21.38
C PHE C 255 -21.68 36.73 21.71
N GLU C 256 -22.45 36.01 22.52
CA GLU C 256 -23.78 36.47 22.93
C GLU C 256 -23.72 37.80 23.67
N TRP C 257 -22.88 37.85 24.71
CA TRP C 257 -22.74 39.05 25.53
C TRP C 257 -22.26 40.25 24.72
N GLU C 258 -21.38 40.00 23.76
CA GLU C 258 -20.85 41.06 22.90
C GLU C 258 -21.93 41.65 22.03
N LYS C 259 -23.01 40.90 21.85
CA LYS C 259 -24.15 41.37 21.06
C LYS C 259 -25.13 42.12 21.95
N ARG C 260 -25.24 41.68 23.20
CA ARG C 260 -26.12 42.32 24.17
C ARG C 260 -25.55 43.67 24.62
N GLU C 261 -24.22 43.75 24.68
CA GLU C 261 -23.55 44.99 25.06
C GLU C 261 -23.59 46.01 23.93
N LEU C 262 -23.40 45.55 22.70
CA LEU C 262 -23.43 46.41 21.53
C LEU C 262 -24.81 47.04 21.41
N GLU C 263 -25.84 46.27 21.73
CA GLU C 263 -27.21 46.74 21.68
C GLU C 263 -27.61 47.50 22.93
N LYS C 264 -26.88 47.26 24.03
CA LYS C 264 -27.11 47.99 25.27
C LYS C 264 -26.77 49.46 25.07
N LYS C 265 -25.73 49.71 24.30
CA LYS C 265 -25.32 51.07 23.97
C LYS C 265 -26.07 51.57 22.73
N ARG C 266 -26.41 50.65 21.83
CA ARG C 266 -27.18 51.00 20.64
C ARG C 266 -28.57 51.48 21.00
N SER C 267 -29.17 50.86 22.03
CA SER C 267 -30.48 51.25 22.50
C SER C 267 -30.42 52.58 23.24
N GLN C 268 -29.46 52.70 24.15
CA GLN C 268 -29.30 53.91 24.95
C GLN C 268 -28.82 55.09 24.10
N GLU C 269 -28.40 54.81 22.88
CA GLU C 269 -27.99 55.85 21.93
C GLU C 269 -29.20 56.62 21.40
N GLU C 270 -30.39 56.17 21.80
CA GLU C 270 -31.63 56.85 21.42
C GLU C 270 -32.10 57.79 22.53
N GLU C 271 -31.23 58.73 22.91
CA GLU C 271 -31.55 59.71 23.94
C GLU C 271 -31.85 61.07 23.32
N ALA C 272 -32.49 61.05 22.16
CA ALA C 272 -32.83 62.28 21.44
C ALA C 272 -33.96 63.03 22.15
#